data_3D5T
#
_entry.id   3D5T
#
_cell.length_a   59.387
_cell.length_b   79.608
_cell.length_c   288.874
_cell.angle_alpha   90.000
_cell.angle_beta   90.000
_cell.angle_gamma   90.000
#
_symmetry.space_group_name_H-M   'P 21 21 21'
#
loop_
_entity.id
_entity.type
_entity.pdbx_description
1 polymer 'Malate dehydrogenase'
2 non-polymer 'SODIUM ION'
3 non-polymer 'MAGNESIUM ION'
4 water water
#
_entity_poly.entity_id   1
_entity_poly.type   'polypeptide(L)'
_entity_poly.pdbx_seq_one_letter_code
;GPGSMAKPAKRVAVTGAAGQIAYSLLFRIANGDLLGKDQPVILQLLDLPQAQAAVKGVVMELDDCAFPLLAGVVITDDPK
VAFKDADVALLVGARPRSKGMERKDLLSANAEIFTVQGAALNEVASRDVKVLVVGNPANTNAYIAMKSAPDLPKKNFTAM
LRLDHNRALSQLAAKSGKPVASIEKLAVWGNHSPTMYPDFRFATAEGESLLKLINDDVWNRDTFIPTVGKRGAAIIEARG
LSSAASAANAAIDHVRDWVLGTNGKWVTMGIPSDGSYGIPEDIIYGVPVICENGEYKRVEGLEIDAFSREKMDGTLAELL
EERDGVAHLLK
;
_entity_poly.pdbx_strand_id   A,B,C,D
#
# COMPACT_ATOMS: atom_id res chain seq x y z
N LYS A 7 -34.46 -20.54 -15.11
CA LYS A 7 -35.19 -21.41 -16.08
C LYS A 7 -34.61 -22.81 -16.02
N PRO A 8 -35.39 -23.83 -16.43
CA PRO A 8 -34.87 -25.21 -16.61
C PRO A 8 -33.95 -25.32 -17.83
N ALA A 9 -33.16 -26.38 -17.91
CA ALA A 9 -32.04 -26.44 -18.89
C ALA A 9 -32.55 -26.58 -20.30
N LYS A 10 -31.88 -26.02 -21.32
CA LYS A 10 -32.23 -26.41 -22.70
C LYS A 10 -31.16 -27.34 -23.24
N ARG A 11 -31.50 -28.28 -24.11
CA ARG A 11 -30.48 -29.22 -24.67
C ARG A 11 -29.99 -28.83 -26.04
N VAL A 12 -28.67 -28.71 -26.16
CA VAL A 12 -28.00 -28.30 -27.40
C VAL A 12 -27.15 -29.46 -27.96
N ALA A 13 -27.51 -29.96 -29.14
CA ALA A 13 -26.69 -30.95 -29.81
C ALA A 13 -25.68 -30.23 -30.69
N VAL A 14 -24.48 -30.77 -30.79
CA VAL A 14 -23.47 -30.15 -31.60
C VAL A 14 -22.72 -31.26 -32.19
N THR A 15 -22.64 -31.32 -33.50
CA THR A 15 -21.83 -32.36 -34.14
C THR A 15 -20.41 -31.91 -34.39
N GLY A 16 -19.57 -32.85 -34.83
CA GLY A 16 -18.18 -32.55 -35.14
C GLY A 16 -17.59 -31.95 -33.88
N ALA A 17 -17.94 -32.54 -32.74
CA ALA A 17 -17.54 -32.06 -31.43
C ALA A 17 -16.03 -32.04 -31.17
N ALA A 18 -15.28 -32.84 -31.94
CA ALA A 18 -13.83 -32.93 -31.74
C ALA A 18 -13.04 -31.97 -32.64
N GLY A 19 -13.72 -31.42 -33.66
CA GLY A 19 -13.13 -30.45 -34.60
C GLY A 19 -12.93 -29.01 -34.13
N GLN A 20 -12.23 -28.25 -34.98
CA GLN A 20 -11.88 -26.85 -34.70
C GLN A 20 -13.08 -25.92 -34.51
N ILE A 21 -14.13 -26.05 -35.31
CA ILE A 21 -15.22 -25.11 -35.07
C ILE A 21 -15.89 -25.33 -33.71
N ALA A 22 -16.14 -26.60 -33.40
CA ALA A 22 -16.61 -27.04 -32.09
C ALA A 22 -15.79 -26.50 -30.92
N TYR A 23 -14.48 -26.58 -31.06
CA TYR A 23 -13.57 -26.10 -30.03
C TYR A 23 -13.70 -24.62 -29.76
N SER A 24 -13.97 -23.80 -30.79
CA SER A 24 -14.26 -22.40 -30.48
C SER A 24 -15.69 -22.28 -29.96
N LEU A 25 -16.57 -23.14 -30.41
CA LEU A 25 -17.99 -22.98 -30.12
C LEU A 25 -18.40 -23.35 -28.72
N LEU A 26 -18.01 -24.55 -28.27
CA LEU A 26 -18.61 -25.08 -27.07
C LEU A 26 -18.46 -24.23 -25.80
N PHE A 27 -17.35 -23.50 -25.71
CA PHE A 27 -17.08 -22.77 -24.53
C PHE A 27 -17.91 -21.50 -24.46
N ARG A 28 -18.14 -20.82 -25.58
CA ARG A 28 -19.03 -19.68 -25.49
C ARG A 28 -20.43 -20.20 -25.28
N ILE A 29 -20.79 -21.35 -25.85
CA ILE A 29 -22.12 -21.82 -25.52
C ILE A 29 -22.29 -22.06 -24.02
N ALA A 30 -21.33 -22.70 -23.38
CA ALA A 30 -21.48 -23.00 -21.95
C ALA A 30 -21.48 -21.76 -21.10
N ASN A 31 -21.01 -20.65 -21.68
CA ASN A 31 -20.85 -19.39 -20.98
C ASN A 31 -22.17 -18.58 -21.03
N GLY A 32 -23.14 -19.07 -21.80
CA GLY A 32 -24.45 -18.41 -21.92
C GLY A 32 -24.58 -17.47 -23.11
N ASP A 33 -23.65 -17.56 -24.05
CA ASP A 33 -23.61 -16.67 -25.19
C ASP A 33 -24.74 -17.01 -26.20
N LEU A 34 -25.30 -18.22 -26.12
CA LEU A 34 -26.19 -18.72 -27.16
C LEU A 34 -27.69 -18.59 -26.88
N LEU A 35 -28.08 -18.75 -25.63
CA LEU A 35 -29.49 -18.67 -25.31
C LEU A 35 -29.66 -17.63 -24.25
N GLY A 36 -28.56 -17.09 -23.75
CA GLY A 36 -28.67 -16.04 -22.74
C GLY A 36 -28.03 -16.33 -21.38
N LYS A 37 -27.61 -15.26 -20.70
CA LYS A 37 -26.92 -15.27 -19.41
C LYS A 37 -27.67 -15.93 -18.26
N ASP A 38 -28.87 -16.45 -18.52
CA ASP A 38 -29.73 -16.99 -17.44
C ASP A 38 -30.46 -18.28 -17.83
N GLN A 39 -30.09 -18.85 -18.96
CA GLN A 39 -30.63 -20.13 -19.41
C GLN A 39 -29.61 -21.27 -19.24
N PRO A 40 -29.73 -22.09 -18.18
CA PRO A 40 -28.78 -23.20 -18.19
C PRO A 40 -28.82 -24.03 -19.50
N VAL A 41 -27.76 -24.78 -19.81
CA VAL A 41 -27.77 -25.60 -21.01
C VAL A 41 -27.15 -26.93 -20.67
N ILE A 42 -27.47 -27.94 -21.48
CA ILE A 42 -26.89 -29.26 -21.41
C ILE A 42 -26.36 -29.61 -22.81
N LEU A 43 -25.10 -30.00 -22.89
CA LEU A 43 -24.45 -30.15 -24.19
C LEU A 43 -24.42 -31.60 -24.57
N GLN A 44 -24.93 -31.91 -25.75
CA GLN A 44 -25.01 -33.29 -26.19
C GLN A 44 -24.18 -33.42 -27.45
N LEU A 45 -23.16 -34.27 -27.42
CA LEU A 45 -22.07 -34.12 -28.39
C LEU A 45 -21.79 -35.36 -29.26
N LEU A 46 -21.94 -35.19 -30.57
CA LEU A 46 -21.65 -36.26 -31.49
C LEU A 46 -20.31 -36.08 -32.15
N ASP A 47 -19.65 -37.19 -32.44
CA ASP A 47 -18.58 -37.24 -33.44
C ASP A 47 -18.31 -38.71 -33.66
N LEU A 48 -17.40 -38.99 -34.60
CA LEU A 48 -17.01 -40.34 -34.91
C LEU A 48 -16.63 -41.27 -33.74
N PRO A 49 -16.86 -42.60 -33.93
CA PRO A 49 -16.24 -43.58 -33.03
C PRO A 49 -14.79 -43.26 -32.69
N GLN A 50 -13.92 -43.10 -33.65
CA GLN A 50 -12.50 -42.92 -33.30
C GLN A 50 -12.16 -41.56 -32.67
N ALA A 51 -13.09 -40.61 -32.66
CA ALA A 51 -12.80 -39.30 -32.12
C ALA A 51 -13.42 -39.06 -30.71
N GLN A 52 -14.03 -40.12 -30.17
CA GLN A 52 -14.58 -40.12 -28.80
C GLN A 52 -13.54 -39.71 -27.75
N ALA A 53 -12.36 -40.34 -27.75
CA ALA A 53 -11.32 -39.93 -26.78
C ALA A 53 -11.10 -38.40 -26.81
N ALA A 54 -11.03 -37.82 -28.02
CA ALA A 54 -10.74 -36.40 -28.15
C ALA A 54 -11.93 -35.59 -27.61
N VAL A 55 -13.14 -36.08 -27.86
CA VAL A 55 -14.28 -35.39 -27.27
C VAL A 55 -14.22 -35.35 -25.76
N LYS A 56 -13.74 -36.44 -25.15
CA LYS A 56 -13.63 -36.47 -23.69
C LYS A 56 -12.68 -35.35 -23.28
N GLY A 57 -11.49 -35.33 -23.88
CA GLY A 57 -10.52 -34.25 -23.71
C GLY A 57 -11.19 -32.87 -23.78
N VAL A 58 -12.09 -32.67 -24.71
CA VAL A 58 -12.73 -31.36 -24.75
C VAL A 58 -13.65 -31.16 -23.54
N VAL A 59 -14.34 -32.23 -23.18
CA VAL A 59 -15.21 -32.15 -22.04
C VAL A 59 -14.44 -31.94 -20.72
N MET A 60 -13.27 -32.58 -20.56
CA MET A 60 -12.46 -32.31 -19.38
C MET A 60 -12.13 -30.82 -19.31
N GLU A 61 -11.85 -30.20 -20.46
CA GLU A 61 -11.63 -28.75 -20.50
C GLU A 61 -12.87 -27.93 -20.19
N LEU A 62 -14.02 -28.42 -20.59
CA LEU A 62 -15.22 -27.64 -20.29
C LEU A 62 -15.50 -27.64 -18.80
N ASP A 63 -15.33 -28.81 -18.19
CA ASP A 63 -15.48 -28.92 -16.76
C ASP A 63 -14.53 -28.03 -15.99
N ASP A 64 -13.28 -28.04 -16.44
CA ASP A 64 -12.22 -27.19 -15.89
C ASP A 64 -12.47 -25.67 -16.09
N CYS A 65 -13.60 -25.28 -16.67
CA CYS A 65 -13.95 -23.83 -16.73
C CYS A 65 -14.95 -23.39 -15.61
N ALA A 66 -15.56 -24.39 -14.98
CA ALA A 66 -16.45 -24.11 -13.89
C ALA A 66 -17.55 -23.16 -14.35
N PHE A 67 -18.27 -23.48 -15.43
CA PHE A 67 -19.35 -22.58 -15.93
C PHE A 67 -20.66 -22.79 -15.17
N PRO A 68 -21.22 -21.72 -14.60
CA PRO A 68 -22.48 -21.88 -13.81
C PRO A 68 -23.60 -22.57 -14.58
N LEU A 69 -23.73 -22.24 -15.87
CA LEU A 69 -24.86 -22.67 -16.74
C LEU A 69 -24.75 -24.07 -17.35
N LEU A 70 -23.63 -24.73 -17.14
CA LEU A 70 -23.52 -25.98 -17.80
C LEU A 70 -24.07 -26.97 -16.83
N ALA A 71 -25.19 -27.58 -17.15
CA ALA A 71 -25.90 -28.51 -16.22
C ALA A 71 -25.55 -29.93 -16.47
N GLY A 72 -24.83 -30.19 -17.56
CA GLY A 72 -24.56 -31.56 -17.98
C GLY A 72 -24.01 -31.66 -19.39
N VAL A 73 -23.27 -32.72 -19.66
CA VAL A 73 -22.76 -32.97 -21.00
C VAL A 73 -23.04 -34.39 -21.36
N VAL A 74 -23.51 -34.63 -22.58
CA VAL A 74 -23.50 -36.01 -23.07
C VAL A 74 -22.50 -36.13 -24.20
N ILE A 75 -21.88 -37.30 -24.31
CA ILE A 75 -20.88 -37.58 -25.33
C ILE A 75 -21.27 -38.89 -25.97
N THR A 76 -21.08 -39.02 -27.29
CA THR A 76 -21.58 -40.21 -27.98
C THR A 76 -21.22 -40.17 -29.43
N ASP A 77 -21.25 -41.34 -30.07
CA ASP A 77 -21.00 -41.49 -31.51
C ASP A 77 -22.31 -41.87 -32.21
N ASP A 78 -23.41 -41.83 -31.45
CA ASP A 78 -24.73 -42.21 -31.91
C ASP A 78 -25.67 -41.04 -32.03
N PRO A 79 -26.06 -40.74 -33.27
CA PRO A 79 -26.89 -39.58 -33.61
C PRO A 79 -28.18 -39.59 -32.83
N LYS A 80 -28.79 -40.77 -32.71
CA LYS A 80 -30.03 -40.94 -31.96
C LYS A 80 -29.92 -40.58 -30.47
N VAL A 81 -28.73 -40.79 -29.89
CA VAL A 81 -28.50 -40.33 -28.52
C VAL A 81 -28.13 -38.88 -28.56
N ALA A 82 -27.22 -38.54 -29.46
CA ALA A 82 -26.83 -37.13 -29.59
C ALA A 82 -28.05 -36.22 -29.66
N PHE A 83 -29.12 -36.63 -30.36
CA PHE A 83 -30.24 -35.72 -30.68
C PHE A 83 -31.49 -35.75 -29.77
N LYS A 84 -31.55 -36.73 -28.88
CA LYS A 84 -32.65 -36.84 -27.92
C LYS A 84 -33.05 -35.55 -27.20
N ASP A 85 -34.29 -35.16 -27.40
CA ASP A 85 -34.88 -34.00 -26.74
C ASP A 85 -34.09 -32.76 -27.06
N ALA A 86 -33.18 -32.84 -28.01
CA ALA A 86 -32.48 -31.63 -28.46
C ALA A 86 -33.45 -30.44 -28.81
N ASP A 87 -33.22 -29.26 -28.24
CA ASP A 87 -34.03 -28.04 -28.55
C ASP A 87 -33.30 -27.17 -29.57
N VAL A 88 -31.98 -27.27 -29.59
CA VAL A 88 -31.18 -26.77 -30.67
C VAL A 88 -30.22 -27.84 -31.17
N ALA A 89 -29.99 -27.90 -32.47
CA ALA A 89 -28.98 -28.79 -33.02
C ALA A 89 -28.07 -28.06 -33.97
N LEU A 90 -26.76 -28.16 -33.74
CA LEU A 90 -25.78 -27.46 -34.58
C LEU A 90 -25.01 -28.51 -35.33
N LEU A 91 -25.29 -28.64 -36.61
CA LEU A 91 -24.67 -29.72 -37.35
C LEU A 91 -23.41 -29.16 -37.99
N VAL A 92 -22.33 -29.19 -37.22
CA VAL A 92 -21.10 -28.64 -37.65
C VAL A 92 -20.31 -29.69 -38.40
N GLY A 93 -20.46 -30.96 -38.05
CA GLY A 93 -19.62 -31.99 -38.66
C GLY A 93 -19.95 -32.25 -40.11
N ALA A 94 -18.94 -32.50 -40.93
CA ALA A 94 -19.17 -32.80 -42.35
C ALA A 94 -17.92 -33.34 -43.06
N ARG A 95 -18.08 -33.97 -44.22
CA ARG A 95 -16.91 -34.43 -44.96
C ARG A 95 -16.25 -33.27 -45.67
N PRO A 96 -14.94 -33.16 -45.49
CA PRO A 96 -14.21 -32.21 -46.32
C PRO A 96 -13.82 -32.94 -47.60
N ARG A 97 -13.81 -32.22 -48.74
CA ARG A 97 -13.18 -32.70 -49.97
C ARG A 97 -11.69 -32.94 -49.77
N SER A 98 -11.16 -34.04 -50.30
CA SER A 98 -9.76 -34.38 -50.07
C SER A 98 -9.11 -34.97 -51.32
N MET A 101 -10.72 -36.44 -55.38
CA MET A 101 -12.11 -36.19 -54.98
C MET A 101 -12.71 -34.91 -55.60
N GLU A 102 -13.62 -35.08 -56.57
CA GLU A 102 -14.24 -33.96 -57.29
C GLU A 102 -15.56 -33.55 -56.66
N ARG A 103 -16.00 -32.31 -56.91
CA ARG A 103 -17.33 -31.86 -56.48
C ARG A 103 -18.38 -33.00 -56.50
N LYS A 104 -18.08 -34.11 -57.19
CA LYS A 104 -19.04 -35.25 -57.30
C LYS A 104 -19.36 -35.89 -55.94
N ASP A 105 -18.31 -36.22 -55.18
CA ASP A 105 -18.43 -36.97 -53.91
C ASP A 105 -18.56 -36.08 -52.68
N LEU A 106 -17.76 -35.02 -52.61
CA LEU A 106 -18.02 -34.05 -51.57
C LEU A 106 -19.52 -34.10 -51.37
N LEU A 107 -20.23 -33.84 -52.46
CA LEU A 107 -21.68 -33.71 -52.44
C LEU A 107 -22.35 -35.04 -52.04
N SER A 108 -21.77 -36.15 -52.45
CA SER A 108 -22.39 -37.45 -52.22
C SER A 108 -22.17 -37.97 -50.77
N ALA A 109 -20.91 -38.00 -50.32
CA ALA A 109 -20.56 -38.47 -48.98
C ALA A 109 -21.32 -37.72 -47.89
N ASN A 110 -21.70 -36.48 -48.19
CA ASN A 110 -22.34 -35.66 -47.17
C ASN A 110 -23.82 -35.89 -47.14
N ALA A 111 -24.32 -36.46 -48.22
CA ALA A 111 -25.74 -36.79 -48.25
C ALA A 111 -25.98 -37.94 -47.27
N GLU A 112 -25.12 -38.96 -47.32
CA GLU A 112 -25.22 -40.07 -46.38
C GLU A 112 -25.51 -39.52 -44.99
N ILE A 113 -24.54 -38.72 -44.53
CA ILE A 113 -24.43 -38.11 -43.20
C ILE A 113 -25.62 -37.27 -42.82
N PHE A 114 -26.12 -36.54 -43.79
CA PHE A 114 -27.21 -35.64 -43.51
C PHE A 114 -28.60 -36.25 -43.68
N THR A 115 -28.66 -37.43 -44.30
CA THR A 115 -29.95 -38.13 -44.34
C THR A 115 -30.07 -38.88 -43.02
N VAL A 116 -29.00 -39.62 -42.70
CA VAL A 116 -28.87 -40.29 -41.42
C VAL A 116 -29.26 -39.43 -40.21
N GLN A 117 -28.79 -38.18 -40.20
CA GLN A 117 -28.90 -37.30 -39.01
C GLN A 117 -30.24 -36.60 -38.99
N GLY A 118 -30.73 -36.20 -40.15
CA GLY A 118 -32.08 -35.66 -40.20
C GLY A 118 -33.07 -36.76 -39.84
N ALA A 119 -32.77 -37.97 -40.30
CA ALA A 119 -33.58 -39.14 -39.95
C ALA A 119 -33.64 -39.18 -38.42
N ALA A 120 -32.47 -39.28 -37.80
CA ALA A 120 -32.39 -39.27 -36.33
C ALA A 120 -33.05 -38.05 -35.63
N LEU A 121 -32.91 -36.86 -36.18
CA LEU A 121 -33.50 -35.67 -35.57
C LEU A 121 -35.01 -35.78 -35.49
N ASN A 122 -35.58 -36.26 -36.58
CA ASN A 122 -37.02 -36.26 -36.75
C ASN A 122 -37.61 -37.40 -35.84
N GLU A 123 -36.84 -38.46 -35.69
CA GLU A 123 -37.18 -39.49 -34.75
C GLU A 123 -37.10 -39.08 -33.24
N VAL A 124 -36.10 -38.30 -32.82
CA VAL A 124 -35.92 -38.11 -31.37
C VAL A 124 -35.90 -36.68 -30.86
N ALA A 125 -35.56 -35.72 -31.72
CA ALA A 125 -35.33 -34.35 -31.25
C ALA A 125 -36.63 -33.73 -30.78
N SER A 126 -36.57 -32.67 -29.98
CA SER A 126 -37.77 -31.96 -29.60
C SER A 126 -38.47 -31.64 -30.90
N ARG A 127 -39.79 -31.69 -30.91
CA ARG A 127 -40.58 -31.36 -32.11
C ARG A 127 -40.40 -29.88 -32.48
N ASP A 128 -39.78 -29.14 -31.59
CA ASP A 128 -39.78 -27.72 -31.64
C ASP A 128 -38.35 -27.24 -31.96
N VAL A 129 -37.54 -28.17 -32.44
CA VAL A 129 -36.11 -27.96 -32.45
C VAL A 129 -35.71 -26.86 -33.45
N LYS A 130 -34.67 -26.08 -33.17
CA LYS A 130 -34.09 -25.22 -34.19
C LYS A 130 -32.81 -25.86 -34.72
N VAL A 131 -32.77 -26.22 -36.01
CA VAL A 131 -31.56 -26.79 -36.65
C VAL A 131 -30.79 -25.70 -37.38
N LEU A 132 -29.46 -25.72 -37.25
CA LEU A 132 -28.56 -24.84 -37.98
C LEU A 132 -27.45 -25.67 -38.55
N VAL A 133 -27.30 -25.64 -39.86
CA VAL A 133 -26.28 -26.47 -40.47
C VAL A 133 -25.11 -25.54 -40.71
N VAL A 134 -23.91 -26.01 -40.34
CA VAL A 134 -22.72 -25.21 -40.49
C VAL A 134 -21.77 -25.92 -41.49
N GLY A 135 -21.76 -27.24 -41.49
CA GLY A 135 -20.82 -28.00 -42.34
C GLY A 135 -20.92 -27.81 -43.84
N ASN A 136 -19.81 -27.52 -44.49
CA ASN A 136 -19.86 -27.31 -45.92
C ASN A 136 -20.12 -28.61 -46.65
N PRO A 137 -20.95 -28.55 -47.72
CA PRO A 137 -21.71 -27.40 -48.27
C PRO A 137 -23.03 -27.09 -47.56
N ALA A 138 -23.04 -26.00 -46.81
CA ALA A 138 -24.08 -25.76 -45.81
C ALA A 138 -25.53 -25.87 -46.29
N ASN A 139 -25.86 -25.13 -47.36
CA ASN A 139 -27.24 -25.09 -47.88
C ASN A 139 -27.82 -26.39 -48.29
N THR A 140 -27.06 -27.15 -49.06
CA THR A 140 -27.52 -28.44 -49.55
C THR A 140 -27.55 -29.52 -48.47
N ASN A 141 -26.57 -29.51 -47.57
CA ASN A 141 -26.64 -30.38 -46.40
C ASN A 141 -27.91 -30.05 -45.64
N ALA A 142 -28.26 -28.78 -45.57
CA ALA A 142 -29.44 -28.44 -44.84
C ALA A 142 -30.59 -29.11 -45.53
N TYR A 143 -30.70 -28.84 -46.82
CA TYR A 143 -31.83 -29.32 -47.60
C TYR A 143 -31.99 -30.83 -47.43
N ILE A 144 -30.89 -31.55 -47.52
CA ILE A 144 -30.95 -32.99 -47.33
C ILE A 144 -31.49 -33.37 -45.95
N ALA A 145 -31.12 -32.61 -44.93
CA ALA A 145 -31.62 -32.86 -43.60
C ALA A 145 -33.11 -32.58 -43.51
N MET A 146 -33.52 -31.41 -43.97
CA MET A 146 -34.91 -30.98 -43.88
C MET A 146 -35.85 -32.01 -44.51
N LYS A 147 -35.48 -32.38 -45.74
CA LYS A 147 -36.10 -33.46 -46.53
C LYS A 147 -36.18 -34.76 -45.77
N SER A 148 -35.27 -34.98 -44.83
CA SER A 148 -35.19 -36.27 -44.18
C SER A 148 -35.97 -36.32 -42.88
N ALA A 149 -36.79 -35.29 -42.65
CA ALA A 149 -37.53 -35.12 -41.40
C ALA A 149 -38.91 -34.54 -41.65
N PRO A 150 -39.80 -35.33 -42.26
CA PRO A 150 -41.11 -34.85 -42.71
C PRO A 150 -41.97 -34.38 -41.55
N ASP A 151 -41.50 -34.61 -40.33
CA ASP A 151 -42.38 -34.49 -39.16
C ASP A 151 -42.18 -33.18 -38.40
N LEU A 152 -41.08 -32.51 -38.73
CA LEU A 152 -40.70 -31.27 -38.09
C LEU A 152 -40.89 -30.15 -39.10
N PRO A 153 -41.48 -29.05 -38.64
CA PRO A 153 -41.64 -27.90 -39.52
C PRO A 153 -40.37 -27.72 -40.35
N LYS A 154 -40.49 -27.87 -41.67
CA LYS A 154 -39.44 -27.48 -42.64
C LYS A 154 -38.85 -26.12 -42.34
N LYS A 155 -39.59 -25.25 -41.67
CA LYS A 155 -39.05 -23.92 -41.38
C LYS A 155 -38.00 -23.95 -40.26
N ASN A 156 -37.64 -25.16 -39.82
CA ASN A 156 -36.75 -25.22 -38.70
C ASN A 156 -35.32 -25.60 -39.03
N PHE A 157 -35.09 -25.82 -40.32
CA PHE A 157 -33.77 -26.11 -40.82
C PHE A 157 -33.23 -24.84 -41.47
N THR A 158 -32.09 -24.36 -41.00
CA THR A 158 -31.45 -23.26 -41.67
C THR A 158 -30.00 -23.59 -41.87
N ALA A 159 -29.35 -22.87 -42.74
CA ALA A 159 -27.93 -23.06 -42.96
C ALA A 159 -27.29 -21.74 -42.59
N MET A 160 -26.00 -21.74 -42.26
CA MET A 160 -25.40 -20.49 -41.83
C MET A 160 -24.88 -19.61 -42.97
N LEU A 161 -25.54 -18.48 -43.13
CA LEU A 161 -25.07 -17.45 -44.03
C LEU A 161 -24.47 -16.31 -43.22
N ARG A 162 -24.56 -16.40 -41.88
CA ARG A 162 -24.25 -15.23 -41.03
C ARG A 162 -22.80 -14.88 -41.01
N LEU A 163 -21.98 -15.80 -41.47
CA LEU A 163 -20.57 -15.50 -41.49
C LEU A 163 -20.29 -14.65 -42.72
N ASP A 164 -20.85 -15.05 -43.87
CA ASP A 164 -20.77 -14.18 -45.04
C ASP A 164 -21.32 -12.77 -44.69
N HIS A 165 -22.48 -12.72 -44.05
CA HIS A 165 -23.13 -11.43 -43.68
C HIS A 165 -22.21 -10.52 -42.83
N ASN A 166 -21.68 -11.07 -41.73
CA ASN A 166 -20.71 -10.43 -40.87
C ASN A 166 -19.41 -10.04 -41.58
N ARG A 167 -18.91 -10.90 -42.46
CA ARG A 167 -17.73 -10.52 -43.22
C ARG A 167 -18.00 -9.29 -44.09
N ALA A 168 -19.24 -9.14 -44.54
CA ALA A 168 -19.48 -8.05 -45.43
C ALA A 168 -19.66 -6.77 -44.60
N LEU A 169 -20.17 -6.86 -43.38
CA LEU A 169 -20.30 -5.65 -42.56
C LEU A 169 -18.94 -5.07 -42.26
N SER A 170 -17.94 -5.94 -42.11
CA SER A 170 -16.59 -5.42 -41.84
C SER A 170 -15.97 -4.76 -43.06
N GLN A 171 -16.14 -5.35 -44.23
CA GLN A 171 -15.73 -4.64 -45.45
C GLN A 171 -16.42 -3.25 -45.54
N LEU A 172 -17.71 -3.20 -45.22
CA LEU A 172 -18.43 -1.94 -45.32
C LEU A 172 -18.01 -0.96 -44.22
N ALA A 173 -17.82 -1.47 -43.01
CA ALA A 173 -17.51 -0.59 -41.90
C ALA A 173 -16.23 0.13 -42.25
N ALA A 174 -15.31 -0.65 -42.83
CA ALA A 174 -13.95 -0.19 -43.09
C ALA A 174 -14.06 0.88 -44.14
N LYS A 175 -14.66 0.53 -45.27
CA LYS A 175 -14.77 1.44 -46.39
C LYS A 175 -15.40 2.75 -45.98
N SER A 176 -16.55 2.71 -45.34
CA SER A 176 -17.25 3.93 -44.95
C SER A 176 -16.63 4.66 -43.74
N GLY A 177 -15.64 4.04 -43.09
CA GLY A 177 -15.07 4.60 -41.86
C GLY A 177 -16.09 4.67 -40.74
N LYS A 178 -17.28 4.12 -40.96
CA LYS A 178 -18.32 4.14 -39.94
C LYS A 178 -18.24 2.87 -39.05
N PRO A 179 -18.70 2.97 -37.78
CA PRO A 179 -18.73 1.88 -36.77
C PRO A 179 -19.52 0.64 -37.17
N VAL A 180 -18.83 -0.50 -37.20
CA VAL A 180 -19.47 -1.72 -37.66
C VAL A 180 -20.82 -1.96 -37.01
N ALA A 181 -20.98 -1.57 -35.75
CA ALA A 181 -22.20 -1.86 -35.01
C ALA A 181 -23.36 -0.98 -35.44
N SER A 182 -23.07 0.05 -36.24
CA SER A 182 -24.07 1.06 -36.57
C SER A 182 -24.48 0.89 -38.02
N ILE A 183 -24.39 -0.33 -38.51
CA ILE A 183 -24.83 -0.57 -39.86
C ILE A 183 -26.16 -1.33 -39.81
N GLU A 184 -27.25 -0.72 -40.32
CA GLU A 184 -28.56 -1.42 -40.43
C GLU A 184 -28.91 -1.82 -41.88
N LYS A 185 -29.78 -2.83 -42.02
CA LYS A 185 -30.42 -3.19 -43.31
C LYS A 185 -29.47 -3.73 -44.37
N LEU A 186 -28.56 -4.60 -43.97
CA LEU A 186 -27.68 -5.21 -44.93
C LEU A 186 -28.25 -6.57 -45.31
N ALA A 187 -27.96 -7.04 -46.52
CA ALA A 187 -28.58 -8.29 -46.99
C ALA A 187 -27.60 -9.20 -47.73
N VAL A 188 -27.68 -10.50 -47.52
CA VAL A 188 -26.81 -11.37 -48.30
C VAL A 188 -27.67 -12.46 -48.92
N TRP A 189 -27.51 -12.66 -50.23
CA TRP A 189 -28.38 -13.57 -50.99
C TRP A 189 -27.63 -14.85 -51.35
N GLY A 190 -28.30 -16.00 -51.18
CA GLY A 190 -27.83 -17.20 -51.86
C GLY A 190 -27.10 -18.27 -51.07
N ASN A 191 -26.07 -18.82 -51.72
CA ASN A 191 -25.37 -20.00 -51.23
C ASN A 191 -24.28 -19.56 -50.27
N HIS A 192 -23.96 -20.36 -49.27
CA HIS A 192 -22.78 -20.08 -48.47
C HIS A 192 -21.61 -20.47 -49.33
N SER A 193 -21.06 -19.50 -50.08
CA SER A 193 -20.09 -19.79 -51.13
C SER A 193 -19.50 -18.51 -51.67
N PRO A 194 -18.45 -18.62 -52.51
CA PRO A 194 -17.98 -17.47 -53.31
C PRO A 194 -19.15 -16.79 -54.08
N THR A 195 -20.17 -17.59 -54.36
CA THR A 195 -21.33 -17.15 -55.12
C THR A 195 -22.34 -16.26 -54.39
N MET A 196 -22.27 -16.14 -53.08
CA MET A 196 -23.34 -15.40 -52.44
C MET A 196 -23.34 -13.93 -52.88
N TYR A 197 -24.49 -13.29 -52.88
CA TYR A 197 -24.53 -11.90 -53.23
C TYR A 197 -24.67 -11.03 -51.99
N PRO A 198 -23.58 -10.36 -51.61
CA PRO A 198 -23.62 -9.41 -50.51
C PRO A 198 -24.27 -8.13 -50.98
N ASP A 199 -25.42 -7.79 -50.42
CA ASP A 199 -26.23 -6.72 -50.99
C ASP A 199 -26.46 -5.51 -50.10
N PHE A 200 -25.78 -4.41 -50.36
CA PHE A 200 -26.03 -3.24 -49.54
C PHE A 200 -26.83 -2.08 -50.13
N ARG A 201 -27.47 -2.26 -51.29
CA ARG A 201 -28.25 -1.17 -51.85
C ARG A 201 -29.14 -0.52 -50.81
N PHE A 202 -29.56 -1.26 -49.78
CA PHE A 202 -30.41 -0.65 -48.72
C PHE A 202 -29.70 -0.22 -47.43
N ALA A 203 -28.44 -0.64 -47.26
CA ALA A 203 -27.78 -0.43 -45.98
C ALA A 203 -27.71 1.05 -45.57
N THR A 204 -27.99 1.30 -44.30
CA THR A 204 -27.77 2.60 -43.72
C THR A 204 -26.56 2.54 -42.81
N ALA A 205 -26.31 3.64 -42.11
CA ALA A 205 -25.17 3.69 -41.26
C ALA A 205 -25.29 4.92 -40.41
N GLU A 206 -25.97 4.74 -39.28
CA GLU A 206 -25.86 5.77 -38.26
C GLU A 206 -26.22 7.02 -39.03
N GLY A 207 -27.44 6.99 -39.58
CA GLY A 207 -27.95 8.11 -40.34
C GLY A 207 -28.11 7.80 -41.83
N GLU A 208 -26.99 7.61 -42.52
CA GLU A 208 -26.86 7.82 -43.98
C GLU A 208 -26.87 6.58 -44.86
N SER A 209 -27.38 6.74 -46.08
CA SER A 209 -27.36 5.69 -47.08
C SER A 209 -25.93 5.20 -47.32
N LEU A 210 -25.74 3.89 -47.47
CA LEU A 210 -24.39 3.43 -47.77
C LEU A 210 -23.95 3.67 -49.23
N LEU A 211 -24.88 3.65 -50.17
CA LEU A 211 -24.56 4.02 -51.55
C LEU A 211 -24.09 5.46 -51.57
N LYS A 212 -24.93 6.34 -51.05
CA LYS A 212 -24.53 7.73 -50.89
C LYS A 212 -23.07 7.73 -50.49
N LEU A 213 -22.87 7.58 -49.19
CA LEU A 213 -21.57 7.75 -48.55
C LEU A 213 -20.42 7.18 -49.36
N ILE A 214 -20.64 6.00 -49.92
CA ILE A 214 -19.58 5.30 -50.63
C ILE A 214 -19.74 5.55 -52.12
N ASN A 215 -20.97 5.47 -52.60
CA ASN A 215 -21.15 5.60 -54.02
C ASN A 215 -20.33 4.53 -54.77
N ASP A 216 -19.11 4.91 -55.14
CA ASP A 216 -18.18 4.10 -55.97
C ASP A 216 -18.70 2.97 -56.91
N ASP A 217 -19.45 2.00 -56.42
CA ASP A 217 -20.11 1.04 -57.33
C ASP A 217 -19.18 0.25 -58.27
N VAL A 218 -17.92 0.65 -58.31
CA VAL A 218 -16.87 -0.12 -58.97
C VAL A 218 -16.07 -0.83 -57.90
N TRP A 219 -15.83 -0.13 -56.80
CA TRP A 219 -15.19 -0.77 -55.68
C TRP A 219 -16.06 -1.98 -55.39
N ASN A 220 -17.38 -1.79 -55.56
CA ASN A 220 -18.39 -2.84 -55.38
C ASN A 220 -18.26 -4.09 -56.24
N ARG A 221 -18.26 -3.95 -57.55
CA ARG A 221 -18.21 -5.14 -58.42
C ARG A 221 -16.81 -5.75 -58.37
N ASP A 222 -15.85 -4.89 -58.04
CA ASP A 222 -14.43 -5.15 -58.30
C ASP A 222 -13.63 -5.57 -57.07
N THR A 223 -13.90 -4.94 -55.94
CA THR A 223 -13.18 -5.22 -54.73
C THR A 223 -14.09 -5.92 -53.74
N PHE A 224 -15.06 -5.15 -53.21
CA PHE A 224 -16.07 -5.66 -52.27
C PHE A 224 -16.66 -7.07 -52.53
N ILE A 225 -17.43 -7.27 -53.58
CA ILE A 225 -18.09 -8.58 -53.73
C ILE A 225 -17.14 -9.77 -53.58
N PRO A 226 -16.07 -9.78 -54.37
CA PRO A 226 -15.10 -10.88 -54.40
C PRO A 226 -14.18 -10.99 -53.16
N THR A 227 -13.99 -9.89 -52.41
CA THR A 227 -13.22 -9.98 -51.17
C THR A 227 -14.06 -10.78 -50.21
N VAL A 228 -15.35 -10.44 -50.12
CA VAL A 228 -16.22 -11.15 -49.22
C VAL A 228 -16.29 -12.64 -49.57
N GLY A 229 -16.29 -12.97 -50.85
CA GLY A 229 -16.32 -14.37 -51.26
C GLY A 229 -14.98 -15.08 -51.13
N LYS A 230 -13.87 -14.40 -51.37
CA LYS A 230 -12.61 -15.15 -51.21
C LYS A 230 -12.05 -15.05 -49.79
N ARG A 231 -12.86 -14.69 -48.81
CA ARG A 231 -12.35 -14.35 -47.49
C ARG A 231 -11.80 -15.58 -46.76
N GLY A 232 -12.48 -16.71 -46.94
CA GLY A 232 -12.12 -17.96 -46.27
C GLY A 232 -10.70 -18.35 -46.65
N ALA A 233 -10.39 -18.21 -47.93
CA ALA A 233 -9.07 -18.58 -48.46
C ALA A 233 -8.01 -17.58 -48.03
N ALA A 234 -8.44 -16.33 -47.90
CA ALA A 234 -7.53 -15.27 -47.49
C ALA A 234 -7.09 -15.56 -46.08
N ILE A 235 -8.02 -16.04 -45.28
CA ILE A 235 -7.65 -16.43 -43.94
C ILE A 235 -6.72 -17.65 -43.85
N ILE A 236 -6.93 -18.64 -44.70
CA ILE A 236 -6.06 -19.83 -44.74
C ILE A 236 -4.65 -19.50 -45.16
N GLU A 237 -4.52 -18.57 -46.11
CA GLU A 237 -3.21 -18.27 -46.64
C GLU A 237 -2.36 -17.59 -45.58
N ALA A 238 -3.02 -16.77 -44.76
CA ALA A 238 -2.36 -16.01 -43.70
C ALA A 238 -1.98 -16.84 -42.44
N ARG A 239 -2.90 -17.70 -41.97
CA ARG A 239 -2.59 -18.50 -40.78
C ARG A 239 -2.48 -20.00 -41.06
N GLY A 240 -2.81 -20.44 -42.27
CA GLY A 240 -2.60 -21.83 -42.62
C GLY A 240 -3.64 -22.76 -42.02
N LEU A 241 -4.72 -22.20 -41.48
CA LEU A 241 -5.85 -22.96 -40.88
C LEU A 241 -7.15 -22.19 -41.20
N SER A 242 -8.28 -22.89 -41.26
CA SER A 242 -9.52 -22.20 -41.58
C SER A 242 -10.09 -21.39 -40.42
N SER A 243 -11.08 -20.56 -40.70
CA SER A 243 -11.54 -19.57 -39.74
C SER A 243 -12.60 -20.14 -38.80
N ALA A 244 -12.18 -20.93 -37.84
CA ALA A 244 -13.07 -21.57 -36.94
C ALA A 244 -13.70 -20.59 -35.98
N ALA A 245 -12.91 -19.63 -35.46
CA ALA A 245 -13.48 -18.71 -34.42
C ALA A 245 -14.54 -17.73 -35.00
N SER A 246 -14.28 -17.17 -36.19
CA SER A 246 -15.29 -16.28 -36.79
C SER A 246 -16.54 -17.08 -37.23
N ALA A 247 -16.31 -18.32 -37.66
CA ALA A 247 -17.41 -19.19 -38.02
C ALA A 247 -18.24 -19.64 -36.78
N ALA A 248 -17.58 -19.79 -35.66
CA ALA A 248 -18.32 -20.19 -34.48
C ALA A 248 -19.13 -18.99 -33.97
N ASN A 249 -18.51 -17.83 -34.02
CA ASN A 249 -19.19 -16.62 -33.61
C ASN A 249 -20.50 -16.32 -34.41
N ALA A 250 -20.44 -16.59 -35.73
CA ALA A 250 -21.56 -16.35 -36.63
C ALA A 250 -22.64 -17.35 -36.37
N ALA A 251 -22.25 -18.62 -36.20
CA ALA A 251 -23.19 -19.62 -35.69
C ALA A 251 -23.85 -19.19 -34.39
N ILE A 252 -23.10 -18.60 -33.49
CA ILE A 252 -23.73 -18.07 -32.29
C ILE A 252 -24.67 -16.93 -32.63
N ASP A 253 -24.23 -15.94 -33.38
CA ASP A 253 -25.09 -14.84 -33.83
C ASP A 253 -26.37 -15.32 -34.52
N HIS A 254 -26.25 -16.21 -35.48
CA HIS A 254 -27.40 -16.74 -36.17
C HIS A 254 -28.42 -17.35 -35.21
N VAL A 255 -27.95 -18.15 -34.27
CA VAL A 255 -28.89 -18.89 -33.42
C VAL A 255 -29.41 -17.99 -32.33
N ARG A 256 -28.51 -17.20 -31.72
CA ARG A 256 -28.93 -16.28 -30.67
C ARG A 256 -30.08 -15.44 -31.18
N ASP A 257 -29.81 -14.66 -32.24
CA ASP A 257 -30.76 -13.85 -33.01
C ASP A 257 -32.08 -14.56 -33.33
N TRP A 258 -32.00 -15.72 -33.99
CA TRP A 258 -33.18 -16.58 -34.20
C TRP A 258 -34.04 -16.73 -32.93
N VAL A 259 -33.42 -17.18 -31.85
CA VAL A 259 -34.14 -17.48 -30.60
C VAL A 259 -34.59 -16.24 -29.85
N LEU A 260 -33.74 -15.21 -29.84
CA LEU A 260 -33.84 -14.16 -28.83
C LEU A 260 -34.45 -12.90 -29.35
N GLY A 261 -34.19 -12.58 -30.61
CA GLY A 261 -34.82 -11.46 -31.24
C GLY A 261 -33.83 -10.53 -31.91
N THR A 262 -34.26 -9.96 -33.03
CA THR A 262 -33.38 -9.19 -33.88
C THR A 262 -33.63 -7.71 -33.75
N ASN A 263 -34.81 -7.37 -33.25
CA ASN A 263 -35.20 -5.99 -32.94
C ASN A 263 -35.48 -5.13 -34.12
N GLY A 264 -36.02 -5.75 -35.16
CA GLY A 264 -36.28 -5.04 -36.39
C GLY A 264 -35.05 -4.87 -37.26
N LYS A 265 -33.86 -5.06 -36.67
CA LYS A 265 -32.62 -5.10 -37.47
C LYS A 265 -32.69 -6.34 -38.48
N TRP A 266 -32.19 -6.19 -39.70
CA TRP A 266 -32.18 -7.30 -40.64
C TRP A 266 -30.99 -8.25 -40.36
N VAL A 267 -31.21 -9.56 -40.35
CA VAL A 267 -30.07 -10.46 -40.48
C VAL A 267 -30.28 -11.46 -41.62
N THR A 268 -29.18 -12.03 -42.14
CA THR A 268 -29.25 -12.97 -43.26
C THR A 268 -29.19 -14.38 -42.72
N MET A 269 -29.98 -15.26 -43.31
CA MET A 269 -30.32 -16.51 -42.70
C MET A 269 -30.73 -17.44 -43.84
N GLY A 270 -30.08 -18.59 -43.96
CA GLY A 270 -30.44 -19.55 -45.01
C GLY A 270 -31.64 -20.37 -44.54
N ILE A 271 -32.78 -20.15 -45.21
CA ILE A 271 -34.04 -20.72 -44.80
C ILE A 271 -34.75 -21.15 -46.06
N PRO A 272 -35.56 -22.20 -45.95
CA PRO A 272 -36.38 -22.77 -47.03
C PRO A 272 -37.16 -21.70 -47.83
N SER A 273 -36.96 -21.65 -49.13
CA SER A 273 -37.73 -20.73 -49.97
C SER A 273 -39.22 -20.95 -49.96
N ASP A 274 -39.93 -19.86 -49.72
CA ASP A 274 -41.35 -19.83 -49.89
C ASP A 274 -41.72 -19.61 -51.34
N GLY A 275 -40.95 -18.84 -52.05
CA GLY A 275 -41.14 -18.72 -53.47
C GLY A 275 -40.83 -17.36 -54.01
N SER A 276 -40.55 -16.44 -53.12
CA SER A 276 -40.33 -15.08 -53.47
C SER A 276 -39.04 -14.84 -54.19
N TYR A 277 -38.84 -13.61 -54.61
CA TYR A 277 -37.61 -13.17 -55.21
C TYR A 277 -37.05 -13.95 -56.38
N GLY A 278 -37.75 -14.97 -56.79
CA GLY A 278 -37.34 -15.64 -57.98
C GLY A 278 -36.72 -16.95 -57.66
N ILE A 279 -36.92 -17.40 -56.46
CA ILE A 279 -36.33 -18.62 -55.96
C ILE A 279 -37.34 -19.74 -55.76
N PRO A 280 -37.09 -20.88 -56.35
CA PRO A 280 -38.00 -22.00 -56.21
C PRO A 280 -38.30 -22.33 -54.77
N GLU A 281 -39.35 -23.11 -54.56
CA GLU A 281 -39.82 -23.42 -53.23
C GLU A 281 -39.08 -24.56 -52.67
N ASP A 282 -38.94 -24.54 -51.35
CA ASP A 282 -38.25 -25.60 -50.62
C ASP A 282 -36.79 -25.57 -50.97
N ILE A 283 -36.26 -24.39 -51.15
CA ILE A 283 -34.87 -24.32 -51.48
C ILE A 283 -34.25 -23.53 -50.34
N ILE A 284 -33.08 -23.98 -49.88
CA ILE A 284 -32.44 -23.27 -48.81
C ILE A 284 -31.54 -22.18 -49.39
N TYR A 285 -31.99 -20.95 -49.24
CA TYR A 285 -31.40 -19.85 -49.96
C TYR A 285 -31.25 -18.71 -48.97
N GLY A 286 -30.10 -18.05 -48.94
CA GLY A 286 -29.99 -16.92 -48.05
C GLY A 286 -30.87 -15.74 -48.43
N VAL A 287 -31.63 -15.23 -47.47
CA VAL A 287 -32.43 -14.04 -47.71
C VAL A 287 -32.52 -13.30 -46.42
N PRO A 288 -32.60 -11.96 -46.47
CA PRO A 288 -32.74 -11.17 -45.24
C PRO A 288 -34.03 -11.49 -44.48
N VAL A 289 -34.00 -11.27 -43.17
CA VAL A 289 -35.14 -11.54 -42.28
C VAL A 289 -35.16 -10.66 -41.03
N ILE A 290 -36.29 -10.65 -40.35
CA ILE A 290 -36.33 -10.07 -39.04
C ILE A 290 -36.72 -11.21 -38.07
N CYS A 291 -36.18 -11.17 -36.85
CA CYS A 291 -36.35 -12.27 -35.89
C CYS A 291 -37.00 -11.72 -34.68
N GLU A 292 -37.94 -12.49 -34.15
CA GLU A 292 -38.64 -12.05 -32.95
C GLU A 292 -39.60 -13.18 -32.51
N ASN A 293 -39.75 -13.34 -31.19
CA ASN A 293 -40.56 -14.43 -30.67
C ASN A 293 -40.10 -15.78 -31.17
N GLY A 294 -38.80 -16.01 -31.20
CA GLY A 294 -38.30 -17.29 -31.63
C GLY A 294 -38.66 -17.64 -33.06
N GLU A 295 -39.02 -16.61 -33.83
CA GLU A 295 -39.30 -16.80 -35.23
C GLU A 295 -38.63 -15.80 -36.20
N TYR A 296 -38.38 -16.28 -37.43
CA TYR A 296 -37.88 -15.41 -38.49
C TYR A 296 -38.94 -15.10 -39.50
N LYS A 297 -39.05 -13.83 -39.85
CA LYS A 297 -40.03 -13.33 -40.83
C LYS A 297 -39.32 -12.56 -41.96
N ARG A 298 -39.38 -13.09 -43.17
CA ARG A 298 -38.69 -12.54 -44.32
C ARG A 298 -38.97 -11.07 -44.56
N VAL A 299 -38.02 -10.36 -45.14
CA VAL A 299 -38.18 -8.97 -45.51
C VAL A 299 -38.69 -8.91 -46.94
N GLU A 300 -39.89 -8.41 -47.13
CA GLU A 300 -40.50 -8.47 -48.44
C GLU A 300 -40.51 -7.31 -49.37
N GLY A 301 -40.80 -7.63 -50.62
CA GLY A 301 -40.88 -6.70 -51.71
C GLY A 301 -39.75 -5.72 -51.86
N LEU A 302 -38.55 -6.22 -51.95
CA LEU A 302 -37.43 -5.36 -52.22
C LEU A 302 -37.19 -5.28 -53.70
N GLU A 303 -36.95 -4.09 -54.18
CA GLU A 303 -36.73 -3.93 -55.58
C GLU A 303 -35.46 -4.60 -55.96
N ILE A 304 -35.52 -5.46 -56.94
CA ILE A 304 -34.38 -6.21 -57.38
C ILE A 304 -33.97 -5.77 -58.75
N ASP A 305 -32.91 -5.00 -58.83
CA ASP A 305 -32.44 -4.48 -60.13
C ASP A 305 -31.66 -5.46 -61.05
N ALA A 306 -31.10 -4.92 -62.12
CA ALA A 306 -30.62 -5.75 -63.21
C ALA A 306 -29.44 -6.56 -62.72
N PHE A 307 -28.39 -5.84 -62.34
CA PHE A 307 -27.17 -6.44 -61.83
C PHE A 307 -27.44 -7.40 -60.67
N SER A 308 -28.18 -6.89 -59.71
CA SER A 308 -28.44 -7.60 -58.50
C SER A 308 -29.05 -8.96 -58.83
N ARG A 309 -29.76 -9.06 -59.94
CA ARG A 309 -30.56 -10.25 -60.07
C ARG A 309 -29.90 -11.29 -60.98
N GLU A 310 -28.85 -10.86 -61.66
CA GLU A 310 -28.03 -11.78 -62.39
C GLU A 310 -27.15 -12.48 -61.35
N LYS A 311 -26.77 -11.75 -60.30
CA LYS A 311 -25.99 -12.35 -59.20
C LYS A 311 -26.89 -13.28 -58.41
N MET A 312 -28.15 -12.87 -58.20
CA MET A 312 -29.09 -13.71 -57.50
C MET A 312 -29.37 -15.01 -58.26
N ASP A 313 -29.35 -14.95 -59.58
CA ASP A 313 -29.66 -16.12 -60.38
C ASP A 313 -28.43 -17.01 -60.54
N GLY A 314 -27.25 -16.43 -60.38
CA GLY A 314 -26.03 -17.19 -60.57
C GLY A 314 -25.78 -18.14 -59.40
N THR A 315 -26.12 -17.66 -58.20
CA THR A 315 -25.88 -18.40 -56.97
C THR A 315 -26.98 -19.44 -56.88
N LEU A 316 -28.15 -19.04 -57.39
CA LEU A 316 -29.33 -19.87 -57.35
C LEU A 316 -29.26 -20.99 -58.36
N ALA A 317 -28.16 -21.06 -59.10
CA ALA A 317 -28.05 -22.12 -60.07
C ALA A 317 -26.98 -23.08 -59.59
N GLU A 318 -25.95 -22.54 -58.96
CA GLU A 318 -25.03 -23.39 -58.23
C GLU A 318 -25.85 -24.32 -57.32
N LEU A 319 -26.76 -23.75 -56.52
CA LEU A 319 -27.67 -24.54 -55.70
C LEU A 319 -28.41 -25.67 -56.41
N LEU A 320 -29.17 -25.34 -57.44
CA LEU A 320 -29.86 -26.35 -58.24
C LEU A 320 -28.88 -27.37 -58.83
N GLU A 321 -27.72 -26.92 -59.27
CA GLU A 321 -26.68 -27.86 -59.70
C GLU A 321 -26.31 -28.76 -58.51
N GLU A 322 -26.35 -28.18 -57.30
CA GLU A 322 -26.03 -28.91 -56.06
C GLU A 322 -27.15 -29.89 -55.70
N ARG A 323 -28.38 -29.36 -55.58
CA ARG A 323 -29.58 -30.18 -55.31
C ARG A 323 -29.74 -31.39 -56.22
N ASP A 324 -29.77 -31.12 -57.51
CA ASP A 324 -30.05 -32.14 -58.47
C ASP A 324 -28.93 -33.12 -58.47
N GLY A 325 -27.93 -32.90 -57.66
CA GLY A 325 -26.79 -33.79 -57.65
C GLY A 325 -26.86 -34.82 -56.56
N VAL A 326 -27.80 -34.63 -55.65
CA VAL A 326 -27.91 -35.47 -54.51
C VAL A 326 -29.34 -35.95 -54.51
N ALA A 327 -30.08 -35.43 -55.46
CA ALA A 327 -31.51 -35.61 -55.52
C ALA A 327 -31.92 -37.05 -55.57
N HIS A 328 -31.05 -37.90 -56.07
CA HIS A 328 -31.33 -39.31 -56.14
C HIS A 328 -31.38 -39.94 -54.77
N LEU A 329 -32.41 -39.61 -54.01
CA LEU A 329 -32.59 -40.09 -52.66
C LEU A 329 -34.01 -39.91 -52.24
N LYS B 7 -17.60 5.77 -21.04
CA LYS B 7 -16.34 5.01 -20.85
C LYS B 7 -15.52 5.26 -22.09
N PRO B 8 -14.22 5.53 -21.91
CA PRO B 8 -13.24 5.36 -23.00
C PRO B 8 -12.67 3.93 -23.11
N ALA B 9 -12.37 3.51 -24.33
CA ALA B 9 -11.66 2.25 -24.55
C ALA B 9 -10.47 1.98 -23.57
N LYS B 10 -10.46 0.83 -22.91
CA LYS B 10 -9.27 0.36 -22.22
C LYS B 10 -8.34 -0.40 -23.18
N ARG B 11 -7.04 -0.15 -23.12
CA ARG B 11 -6.09 -0.89 -23.97
C ARG B 11 -5.62 -2.16 -23.30
N VAL B 12 -5.76 -3.29 -23.99
CA VAL B 12 -5.41 -4.55 -23.44
C VAL B 12 -4.40 -5.09 -24.39
N ALA B 13 -3.15 -5.30 -23.92
CA ALA B 13 -2.09 -5.92 -24.74
C ALA B 13 -2.05 -7.41 -24.54
N VAL B 14 -1.83 -8.15 -25.62
CA VAL B 14 -1.75 -9.58 -25.55
C VAL B 14 -0.56 -10.12 -26.31
N THR B 15 0.36 -10.80 -25.65
CA THR B 15 1.52 -11.31 -26.39
C THR B 15 1.24 -12.74 -26.85
N GLY B 16 2.16 -13.38 -27.56
CA GLY B 16 1.86 -14.67 -28.21
C GLY B 16 0.57 -14.68 -28.98
N ALA B 17 0.37 -13.69 -29.85
CA ALA B 17 -0.96 -13.50 -30.46
C ALA B 17 -1.31 -14.48 -31.57
N ALA B 18 -0.32 -15.14 -32.13
CA ALA B 18 -0.63 -16.10 -33.16
C ALA B 18 -0.69 -17.49 -32.56
N GLY B 19 -0.50 -17.63 -31.24
CA GLY B 19 -0.54 -18.93 -30.59
C GLY B 19 -1.92 -19.49 -30.24
N GLN B 20 -1.91 -20.67 -29.60
CA GLN B 20 -3.14 -21.43 -29.35
C GLN B 20 -3.94 -20.73 -28.23
N ILE B 21 -3.34 -20.42 -27.08
CA ILE B 21 -4.14 -19.75 -26.04
C ILE B 21 -4.80 -18.50 -26.62
N ALA B 22 -4.01 -17.69 -27.30
CA ALA B 22 -4.50 -16.45 -27.89
C ALA B 22 -5.75 -16.67 -28.76
N TYR B 23 -5.71 -17.68 -29.60
CA TYR B 23 -6.85 -17.90 -30.49
C TYR B 23 -8.17 -18.15 -29.73
N SER B 24 -8.09 -18.59 -28.46
CA SER B 24 -9.32 -18.91 -27.71
C SER B 24 -9.58 -17.79 -26.73
N LEU B 25 -8.69 -16.80 -26.66
CA LEU B 25 -8.81 -15.68 -25.74
C LEU B 25 -9.19 -14.32 -26.39
N LEU B 26 -8.65 -13.99 -27.55
CA LEU B 26 -8.95 -12.68 -28.17
C LEU B 26 -10.41 -12.46 -28.44
N PHE B 27 -11.15 -13.52 -28.75
CA PHE B 27 -12.54 -13.34 -29.14
C PHE B 27 -13.37 -13.12 -27.89
N ARG B 28 -13.09 -13.87 -26.83
CA ARG B 28 -13.82 -13.61 -25.59
C ARG B 28 -13.53 -12.20 -25.07
N ILE B 29 -12.31 -11.73 -25.23
CA ILE B 29 -12.04 -10.37 -24.78
C ILE B 29 -12.83 -9.37 -25.62
N ALA B 30 -12.81 -9.57 -26.94
CA ALA B 30 -13.46 -8.61 -27.86
C ALA B 30 -14.93 -8.56 -27.54
N ASN B 31 -15.45 -9.71 -27.09
CA ASN B 31 -16.86 -9.86 -26.78
C ASN B 31 -17.30 -9.18 -25.48
N GLY B 32 -16.35 -8.62 -24.72
CA GLY B 32 -16.65 -8.05 -23.40
C GLY B 32 -16.35 -8.89 -22.15
N ASP B 33 -15.83 -10.08 -22.34
CA ASP B 33 -15.80 -11.04 -21.22
C ASP B 33 -14.80 -10.69 -20.12
N LEU B 34 -13.78 -9.91 -20.49
CA LEU B 34 -12.65 -9.58 -19.63
C LEU B 34 -12.87 -8.36 -18.70
N LEU B 35 -13.54 -7.35 -19.22
CA LEU B 35 -13.71 -6.12 -18.47
C LEU B 35 -15.19 -5.67 -18.32
N GLY B 36 -16.14 -6.45 -18.85
CA GLY B 36 -17.53 -6.08 -18.81
C GLY B 36 -18.17 -5.67 -20.12
N LYS B 37 -19.50 -5.76 -20.12
CA LYS B 37 -20.28 -5.60 -21.33
C LYS B 37 -20.44 -4.14 -21.73
N ASP B 38 -20.02 -3.23 -20.87
CA ASP B 38 -20.22 -1.83 -21.13
C ASP B 38 -18.89 -1.13 -21.34
N GLN B 39 -17.84 -1.89 -21.58
CA GLN B 39 -16.51 -1.28 -21.66
C GLN B 39 -15.75 -1.68 -22.92
N PRO B 40 -15.59 -0.74 -23.86
CA PRO B 40 -14.97 -1.01 -25.14
C PRO B 40 -13.50 -1.31 -24.96
N VAL B 41 -12.89 -2.10 -25.85
CA VAL B 41 -11.45 -2.35 -25.78
C VAL B 41 -10.66 -2.06 -27.03
N ILE B 42 -9.37 -1.79 -26.85
CA ILE B 42 -8.42 -1.79 -27.96
C ILE B 42 -7.38 -2.88 -27.76
N LEU B 43 -7.29 -3.78 -28.71
CA LEU B 43 -6.36 -4.85 -28.58
C LEU B 43 -5.00 -4.46 -29.16
N GLN B 44 -3.92 -4.66 -28.39
CA GLN B 44 -2.57 -4.45 -28.91
C GLN B 44 -1.82 -5.78 -28.89
N LEU B 45 -1.49 -6.30 -30.07
CA LEU B 45 -1.02 -7.67 -30.20
C LEU B 45 0.44 -7.74 -30.58
N LEU B 46 1.16 -8.60 -29.85
CA LEU B 46 2.56 -8.89 -30.08
C LEU B 46 2.81 -10.34 -30.43
N ASP B 47 3.74 -10.56 -31.34
CA ASP B 47 4.27 -11.88 -31.57
C ASP B 47 5.54 -11.75 -32.37
N LEU B 48 6.21 -12.86 -32.65
CA LEU B 48 7.49 -12.77 -33.30
C LEU B 48 7.39 -12.12 -34.69
N PRO B 49 8.54 -11.75 -35.27
CA PRO B 49 8.46 -11.07 -36.56
C PRO B 49 7.84 -11.96 -37.67
N GLN B 50 8.21 -13.24 -37.69
CA GLN B 50 7.73 -14.18 -38.71
C GLN B 50 6.40 -14.79 -38.34
N ALA B 51 5.82 -14.33 -37.24
CA ALA B 51 4.43 -14.63 -36.98
C ALA B 51 3.49 -13.51 -37.39
N GLN B 52 3.98 -12.40 -37.91
CA GLN B 52 3.10 -11.24 -38.22
C GLN B 52 1.97 -11.58 -39.17
N ALA B 53 2.28 -12.34 -40.22
CA ALA B 53 1.21 -12.71 -41.13
C ALA B 53 0.09 -13.54 -40.41
N ALA B 54 0.50 -14.53 -39.63
CA ALA B 54 -0.49 -15.30 -38.87
C ALA B 54 -1.34 -14.37 -37.95
N VAL B 55 -0.72 -13.39 -37.30
CA VAL B 55 -1.52 -12.49 -36.48
C VAL B 55 -2.53 -11.70 -37.32
N LYS B 56 -2.13 -11.24 -38.51
CA LYS B 56 -3.07 -10.45 -39.31
C LYS B 56 -4.26 -11.32 -39.66
N GLY B 57 -3.98 -12.59 -39.92
CA GLY B 57 -5.05 -13.55 -40.14
C GLY B 57 -6.09 -13.49 -39.03
N VAL B 58 -5.66 -13.66 -37.78
CA VAL B 58 -6.54 -13.65 -36.59
C VAL B 58 -7.29 -12.34 -36.44
N VAL B 59 -6.62 -11.24 -36.71
CA VAL B 59 -7.26 -9.94 -36.77
C VAL B 59 -8.33 -9.85 -37.90
N MET B 60 -8.06 -10.46 -39.04
CA MET B 60 -9.07 -10.45 -40.05
C MET B 60 -10.30 -11.15 -39.47
N GLU B 61 -10.11 -12.35 -38.92
CA GLU B 61 -11.21 -13.07 -38.27
C GLU B 61 -11.90 -12.24 -37.22
N LEU B 62 -11.13 -11.51 -36.40
CA LEU B 62 -11.73 -10.65 -35.37
C LEU B 62 -12.69 -9.62 -35.95
N ASP B 63 -12.21 -8.87 -36.94
CA ASP B 63 -13.07 -7.95 -37.72
C ASP B 63 -14.34 -8.64 -38.20
N ASP B 64 -14.17 -9.84 -38.78
CA ASP B 64 -15.33 -10.64 -39.30
C ASP B 64 -16.36 -11.07 -38.25
N CYS B 65 -16.14 -10.73 -36.98
CA CYS B 65 -17.12 -11.05 -35.91
C CYS B 65 -18.05 -9.89 -35.62
N ALA B 66 -17.64 -8.73 -36.09
CA ALA B 66 -18.42 -7.53 -35.92
C ALA B 66 -18.82 -7.30 -34.42
N PHE B 67 -17.80 -7.10 -33.59
CA PHE B 67 -18.00 -6.90 -32.16
C PHE B 67 -18.21 -5.38 -31.85
N PRO B 68 -19.30 -5.04 -31.17
CA PRO B 68 -19.48 -3.61 -30.89
C PRO B 68 -18.43 -3.01 -29.94
N LEU B 69 -17.85 -3.86 -29.04
CA LEU B 69 -16.90 -3.38 -28.00
C LEU B 69 -15.51 -3.29 -28.53
N LEU B 70 -15.27 -3.83 -29.73
CA LEU B 70 -13.93 -3.79 -30.28
C LEU B 70 -13.69 -2.43 -30.92
N ALA B 71 -12.97 -1.54 -30.25
CA ALA B 71 -12.73 -0.18 -30.77
C ALA B 71 -11.48 0.04 -31.65
N GLY B 72 -10.48 -0.83 -31.54
CA GLY B 72 -9.35 -0.81 -32.49
C GLY B 72 -8.38 -1.96 -32.24
N VAL B 73 -7.44 -2.13 -33.14
CA VAL B 73 -6.50 -3.22 -33.02
C VAL B 73 -5.13 -2.77 -33.47
N VAL B 74 -4.11 -3.06 -32.68
CA VAL B 74 -2.77 -2.77 -33.11
C VAL B 74 -2.04 -4.08 -33.24
N ILE B 75 -1.26 -4.24 -34.28
CA ILE B 75 -0.48 -5.46 -34.45
C ILE B 75 0.98 -5.05 -34.60
N THR B 76 1.92 -5.82 -34.06
CA THR B 76 3.31 -5.42 -33.98
C THR B 76 4.23 -6.55 -33.52
N ASP B 77 5.50 -6.54 -33.94
CA ASP B 77 6.51 -7.37 -33.26
C ASP B 77 7.43 -6.59 -32.31
N ASP B 78 7.01 -5.41 -31.87
CA ASP B 78 7.83 -4.58 -31.01
C ASP B 78 7.16 -4.35 -29.65
N PRO B 79 7.79 -4.85 -28.56
CA PRO B 79 7.17 -4.80 -27.21
C PRO B 79 6.76 -3.39 -26.77
N LYS B 80 7.57 -2.40 -27.14
CA LYS B 80 7.37 -1.03 -26.72
C LYS B 80 6.13 -0.48 -27.43
N VAL B 81 5.89 -1.01 -28.64
CA VAL B 81 4.68 -0.63 -29.37
C VAL B 81 3.50 -1.37 -28.76
N ALA B 82 3.66 -2.67 -28.53
CA ALA B 82 2.53 -3.49 -28.06
C ALA B 82 2.06 -2.95 -26.71
N PHE B 83 2.96 -2.30 -25.99
CA PHE B 83 2.66 -2.01 -24.59
C PHE B 83 2.26 -0.57 -24.31
N LYS B 84 2.46 0.29 -25.31
CA LYS B 84 2.25 1.72 -25.15
C LYS B 84 0.88 1.94 -24.57
N ASP B 85 0.80 2.60 -23.41
CA ASP B 85 -0.49 2.95 -22.78
C ASP B 85 -1.37 1.79 -22.38
N ALA B 86 -0.79 0.58 -22.33
CA ALA B 86 -1.54 -0.62 -21.98
C ALA B 86 -2.16 -0.50 -20.58
N ASP B 87 -3.45 -0.83 -20.43
CA ASP B 87 -4.12 -0.77 -19.16
C ASP B 87 -4.13 -2.15 -18.55
N VAL B 88 -4.15 -3.17 -19.42
CA VAL B 88 -4.00 -4.55 -19.01
C VAL B 88 -3.00 -5.16 -19.93
N ALA B 89 -2.10 -6.00 -19.43
CA ALA B 89 -1.18 -6.72 -20.34
C ALA B 89 -1.17 -8.18 -19.98
N LEU B 90 -1.54 -9.02 -20.96
CA LEU B 90 -1.59 -10.44 -20.78
C LEU B 90 -0.35 -11.10 -21.42
N LEU B 91 0.61 -11.51 -20.62
CA LEU B 91 1.81 -12.06 -21.25
C LEU B 91 1.59 -13.52 -21.41
N VAL B 92 1.20 -13.91 -22.61
CA VAL B 92 0.88 -15.31 -22.90
C VAL B 92 2.02 -16.06 -23.60
N GLY B 93 2.77 -15.39 -24.48
CA GLY B 93 3.85 -16.02 -25.22
C GLY B 93 5.09 -16.34 -24.39
N ALA B 94 5.75 -17.45 -24.70
CA ALA B 94 6.92 -17.86 -23.98
C ALA B 94 7.71 -18.94 -24.75
N ARG B 95 8.92 -19.26 -24.29
CA ARG B 95 9.66 -20.30 -24.98
C ARG B 95 9.12 -21.63 -24.55
N PRO B 96 8.71 -22.43 -25.51
CA PRO B 96 8.30 -23.79 -25.28
C PRO B 96 9.54 -24.66 -25.07
N ARG B 97 9.37 -25.78 -24.38
CA ARG B 97 10.47 -26.73 -24.21
C ARG B 97 10.61 -27.59 -25.47
N SER B 98 11.77 -28.21 -25.71
CA SER B 98 11.94 -29.05 -26.94
C SER B 98 13.05 -30.13 -26.91
N MET B 101 16.62 -30.12 -24.73
CA MET B 101 16.46 -28.93 -23.92
C MET B 101 16.24 -29.31 -22.49
N GLU B 102 17.11 -28.81 -21.63
CA GLU B 102 17.02 -29.06 -20.21
C GLU B 102 16.44 -27.88 -19.53
N ARG B 103 15.62 -28.13 -18.52
CA ARG B 103 14.99 -27.07 -17.78
C ARG B 103 15.94 -25.93 -17.46
N LYS B 104 17.06 -26.20 -16.85
CA LYS B 104 17.89 -25.08 -16.50
C LYS B 104 17.89 -24.25 -17.72
N ASP B 105 17.68 -24.94 -18.83
CA ASP B 105 17.84 -24.38 -20.14
C ASP B 105 16.62 -23.64 -20.63
N LEU B 106 15.46 -23.97 -20.11
CA LEU B 106 14.29 -23.28 -20.54
C LEU B 106 13.98 -22.10 -19.66
N LEU B 107 14.62 -22.01 -18.52
CA LEU B 107 14.35 -20.93 -17.61
C LEU B 107 14.98 -19.67 -18.08
N SER B 108 16.15 -19.79 -18.65
CA SER B 108 16.95 -18.65 -19.09
C SER B 108 16.50 -18.17 -20.46
N ALA B 109 16.07 -19.11 -21.30
CA ALA B 109 15.42 -18.74 -22.54
C ALA B 109 14.30 -17.74 -22.23
N ASN B 110 13.56 -18.03 -21.17
CA ASN B 110 12.36 -17.31 -20.88
C ASN B 110 12.61 -16.07 -20.11
N ALA B 111 13.62 -16.12 -19.24
CA ALA B 111 14.04 -14.95 -18.50
C ALA B 111 14.49 -13.90 -19.50
N GLU B 112 15.13 -14.37 -20.56
CA GLU B 112 15.66 -13.48 -21.58
C GLU B 112 14.50 -12.66 -22.22
N ILE B 113 13.35 -13.30 -22.37
CA ILE B 113 12.15 -12.66 -22.87
C ILE B 113 11.45 -11.77 -21.86
N PHE B 114 11.42 -12.14 -20.60
CA PHE B 114 10.65 -11.33 -19.65
C PHE B 114 11.43 -10.16 -19.12
N THR B 115 12.73 -10.18 -19.28
CA THR B 115 13.48 -8.98 -18.92
C THR B 115 13.21 -7.93 -20.00
N VAL B 116 13.27 -8.33 -21.25
CA VAL B 116 12.89 -7.43 -22.31
C VAL B 116 11.44 -6.87 -22.15
N GLN B 117 10.51 -7.72 -21.79
CA GLN B 117 9.14 -7.26 -21.81
C GLN B 117 8.81 -6.49 -20.57
N GLY B 118 9.35 -6.93 -19.43
CA GLY B 118 9.21 -6.22 -18.17
C GLY B 118 9.77 -4.81 -18.29
N ALA B 119 10.93 -4.65 -18.93
CA ALA B 119 11.48 -3.28 -19.17
C ALA B 119 10.57 -2.50 -20.10
N ALA B 120 10.03 -3.14 -21.15
CA ALA B 120 9.08 -2.49 -22.06
C ALA B 120 7.89 -2.00 -21.26
N LEU B 121 7.28 -2.82 -20.43
CA LEU B 121 6.13 -2.32 -19.71
C LEU B 121 6.59 -1.14 -18.89
N ASN B 122 7.83 -1.21 -18.40
CA ASN B 122 8.31 -0.18 -17.47
C ASN B 122 8.38 1.19 -18.15
N GLU B 123 8.89 1.17 -19.37
CA GLU B 123 9.06 2.38 -20.14
C GLU B 123 7.76 3.02 -20.65
N VAL B 124 6.73 2.23 -21.04
CA VAL B 124 5.61 2.78 -21.85
C VAL B 124 4.17 2.51 -21.41
N ALA B 125 3.96 1.63 -20.45
CA ALA B 125 2.61 1.30 -20.09
C ALA B 125 1.95 2.38 -19.21
N SER B 126 0.66 2.28 -18.98
CA SER B 126 0.12 3.18 -17.99
C SER B 126 0.66 2.77 -16.63
N ARG B 127 0.71 3.73 -15.71
CA ARG B 127 1.37 3.58 -14.43
C ARG B 127 0.69 2.49 -13.60
N ASP B 128 -0.56 2.24 -13.95
CA ASP B 128 -1.45 1.32 -13.27
C ASP B 128 -1.73 0.00 -13.98
N VAL B 129 -1.00 -0.28 -15.04
CA VAL B 129 -1.26 -1.48 -15.85
C VAL B 129 -1.30 -2.72 -15.00
N LYS B 130 -2.30 -3.55 -15.23
CA LYS B 130 -2.38 -4.87 -14.60
C LYS B 130 -1.76 -5.93 -15.53
N VAL B 131 -0.80 -6.67 -15.00
CA VAL B 131 -0.05 -7.64 -15.79
C VAL B 131 -0.31 -9.01 -15.26
N LEU B 132 -0.72 -9.93 -16.13
CA LEU B 132 -0.91 -11.32 -15.80
C LEU B 132 0.03 -12.10 -16.69
N VAL B 133 0.94 -12.85 -16.08
CA VAL B 133 1.72 -13.80 -16.82
C VAL B 133 0.98 -15.13 -16.85
N VAL B 134 0.75 -15.58 -18.09
CA VAL B 134 0.11 -16.84 -18.38
C VAL B 134 1.14 -17.83 -18.86
N GLY B 135 2.07 -17.40 -19.70
CA GLY B 135 3.11 -18.32 -20.23
C GLY B 135 4.13 -18.90 -19.23
N ASN B 136 4.51 -20.16 -19.47
CA ASN B 136 5.28 -20.94 -18.54
C ASN B 136 6.79 -20.78 -18.62
N PRO B 137 7.50 -20.89 -17.46
CA PRO B 137 6.97 -21.10 -16.10
C PRO B 137 6.40 -19.83 -15.46
N ALA B 138 5.09 -19.79 -15.23
CA ALA B 138 4.40 -18.54 -14.95
C ALA B 138 4.96 -17.77 -13.75
N ASN B 139 5.09 -18.36 -12.56
CA ASN B 139 5.51 -17.54 -11.39
C ASN B 139 6.83 -16.84 -11.62
N THR B 140 7.75 -17.56 -12.26
CA THR B 140 9.11 -17.08 -12.38
C THR B 140 9.23 -16.05 -13.50
N ASN B 141 8.40 -16.19 -14.52
CA ASN B 141 8.34 -15.14 -15.50
C ASN B 141 7.71 -13.90 -14.92
N ALA B 142 6.66 -14.06 -14.12
CA ALA B 142 6.05 -12.86 -13.51
C ALA B 142 7.09 -12.08 -12.72
N TYR B 143 7.86 -12.84 -11.95
CA TYR B 143 8.86 -12.30 -11.02
C TYR B 143 9.94 -11.53 -11.76
N ILE B 144 10.49 -12.16 -12.79
CA ILE B 144 11.48 -11.53 -13.61
C ILE B 144 10.90 -10.26 -14.22
N ALA B 145 9.70 -10.38 -14.76
CA ALA B 145 9.03 -9.25 -15.31
C ALA B 145 8.97 -8.16 -14.28
N MET B 146 8.58 -8.46 -13.05
CA MET B 146 8.38 -7.32 -12.13
C MET B 146 9.69 -6.69 -11.71
N LYS B 147 10.72 -7.52 -11.56
CA LYS B 147 11.99 -7.02 -11.18
C LYS B 147 12.56 -6.10 -12.26
N SER B 148 12.12 -6.30 -13.49
CA SER B 148 12.58 -5.46 -14.57
C SER B 148 11.68 -4.23 -14.70
N ALA B 149 10.65 -4.09 -13.88
CA ALA B 149 9.78 -2.90 -13.96
C ALA B 149 9.80 -2.07 -12.66
N PRO B 150 10.97 -1.54 -12.31
CA PRO B 150 11.21 -0.85 -11.05
C PRO B 150 10.27 0.33 -10.78
N ASP B 151 9.54 0.75 -11.81
CA ASP B 151 8.77 1.99 -11.74
C ASP B 151 7.27 1.72 -11.70
N LEU B 152 6.91 0.47 -11.90
CA LEU B 152 5.52 0.07 -11.76
C LEU B 152 5.38 -0.66 -10.44
N PRO B 153 4.21 -0.52 -9.82
CA PRO B 153 4.02 -1.14 -8.50
C PRO B 153 4.12 -2.66 -8.59
N LYS B 154 4.94 -3.26 -7.70
CA LYS B 154 5.07 -4.72 -7.55
C LYS B 154 3.73 -5.47 -7.42
N LYS B 155 2.68 -4.78 -6.97
CA LYS B 155 1.43 -5.48 -6.69
C LYS B 155 0.61 -5.77 -7.95
N ASN B 156 1.02 -5.16 -9.05
CA ASN B 156 0.40 -5.30 -10.33
C ASN B 156 1.05 -6.39 -11.23
N PHE B 157 1.98 -7.15 -10.67
CA PHE B 157 2.51 -8.28 -11.42
C PHE B 157 1.94 -9.58 -10.87
N THR B 158 1.31 -10.40 -11.71
CA THR B 158 0.76 -11.65 -11.21
C THR B 158 0.92 -12.80 -12.18
N ALA B 159 0.86 -14.01 -11.66
CA ALA B 159 1.03 -15.15 -12.47
C ALA B 159 -0.28 -15.88 -12.34
N MET B 160 -0.56 -16.75 -13.29
CA MET B 160 -1.91 -17.37 -13.26
C MET B 160 -1.94 -18.71 -12.53
N LEU B 161 -2.73 -18.81 -11.48
CA LEU B 161 -2.92 -20.07 -10.80
C LEU B 161 -4.39 -20.53 -10.94
N ARG B 162 -5.17 -19.68 -11.60
CA ARG B 162 -6.61 -19.78 -11.60
C ARG B 162 -7.06 -20.98 -12.38
N LEU B 163 -6.19 -21.49 -13.24
CA LEU B 163 -6.53 -22.71 -14.00
C LEU B 163 -6.40 -23.89 -13.06
N ASP B 164 -5.43 -23.81 -12.13
CA ASP B 164 -5.32 -24.84 -11.07
C ASP B 164 -6.52 -24.76 -10.16
N HIS B 165 -6.93 -23.54 -9.82
CA HIS B 165 -8.04 -23.31 -8.88
C HIS B 165 -9.30 -23.84 -9.56
N ASN B 166 -9.49 -23.41 -10.80
CA ASN B 166 -10.63 -23.92 -11.53
C ASN B 166 -10.62 -25.44 -11.75
N ARG B 167 -9.45 -26.07 -11.93
CA ARG B 167 -9.41 -27.55 -12.10
C ARG B 167 -9.67 -28.33 -10.82
N ALA B 168 -9.31 -27.72 -9.73
CA ALA B 168 -9.62 -28.23 -8.43
C ALA B 168 -11.13 -28.04 -8.13
N LEU B 169 -11.77 -27.03 -8.69
CA LEU B 169 -13.21 -26.88 -8.41
C LEU B 169 -13.96 -28.01 -9.06
N SER B 170 -13.60 -28.36 -10.30
CA SER B 170 -14.34 -29.44 -10.91
C SER B 170 -14.04 -30.79 -10.24
N GLN B 171 -12.80 -31.05 -9.86
CA GLN B 171 -12.49 -32.29 -9.13
C GLN B 171 -13.35 -32.41 -7.89
N LEU B 172 -13.36 -31.36 -7.10
CA LEU B 172 -14.22 -31.36 -5.89
C LEU B 172 -15.67 -31.60 -6.20
N ALA B 173 -16.17 -30.96 -7.26
CA ALA B 173 -17.58 -30.97 -7.56
C ALA B 173 -17.98 -32.37 -8.01
N ALA B 174 -17.12 -33.01 -8.80
CA ALA B 174 -17.37 -34.38 -9.14
C ALA B 174 -17.39 -35.25 -7.87
N LYS B 175 -16.33 -35.19 -7.06
CA LYS B 175 -16.31 -36.05 -5.86
C LYS B 175 -17.46 -35.82 -4.91
N SER B 176 -17.74 -34.58 -4.56
CA SER B 176 -18.79 -34.32 -3.60
C SER B 176 -20.14 -34.35 -4.26
N GLY B 177 -20.18 -34.52 -5.58
CA GLY B 177 -21.48 -34.51 -6.27
C GLY B 177 -22.28 -33.21 -6.08
N LYS B 178 -21.61 -32.16 -5.66
CA LYS B 178 -22.26 -30.86 -5.59
C LYS B 178 -22.02 -30.05 -6.89
N PRO B 179 -22.82 -28.98 -7.11
CA PRO B 179 -22.63 -28.16 -8.32
C PRO B 179 -21.44 -27.26 -8.14
N VAL B 180 -20.63 -27.21 -9.17
CA VAL B 180 -19.38 -26.45 -9.15
C VAL B 180 -19.61 -25.00 -8.71
N ALA B 181 -20.63 -24.36 -9.23
CA ALA B 181 -20.85 -22.94 -8.91
C ALA B 181 -21.20 -22.72 -7.44
N SER B 182 -21.46 -23.81 -6.73
CA SER B 182 -21.88 -23.69 -5.35
C SER B 182 -20.66 -23.76 -4.44
N ILE B 183 -19.52 -24.22 -4.96
CA ILE B 183 -18.35 -24.38 -4.08
C ILE B 183 -17.72 -23.04 -3.59
N GLU B 184 -17.32 -22.95 -2.33
CA GLU B 184 -16.71 -21.70 -1.87
C GLU B 184 -15.48 -21.94 -1.02
N LYS B 185 -14.64 -20.90 -0.89
CA LYS B 185 -13.46 -20.84 0.00
C LYS B 185 -12.43 -21.89 -0.27
N LEU B 186 -11.99 -21.97 -1.51
CA LEU B 186 -10.96 -22.90 -1.86
C LEU B 186 -9.71 -22.10 -2.07
N ALA B 187 -8.57 -22.68 -1.70
CA ALA B 187 -7.29 -22.02 -1.87
C ALA B 187 -6.35 -22.96 -2.59
N VAL B 188 -5.52 -22.44 -3.49
CA VAL B 188 -4.46 -23.23 -4.15
C VAL B 188 -3.12 -22.48 -3.96
N TRP B 189 -2.20 -23.05 -3.19
CA TRP B 189 -0.98 -22.34 -2.84
C TRP B 189 0.16 -22.68 -3.79
N GLY B 190 1.07 -21.70 -4.01
CA GLY B 190 2.36 -21.96 -4.57
C GLY B 190 2.60 -21.72 -6.04
N ASN B 191 3.28 -22.69 -6.65
CA ASN B 191 3.74 -22.58 -8.04
C ASN B 191 2.76 -23.18 -9.06
N HIS B 192 2.64 -22.55 -10.24
CA HIS B 192 1.81 -23.11 -11.31
C HIS B 192 2.51 -24.34 -11.88
N SER B 193 2.46 -25.44 -11.12
CA SER B 193 3.12 -26.61 -11.56
C SER B 193 2.53 -27.76 -10.80
N PRO B 194 3.04 -28.97 -11.06
CA PRO B 194 2.54 -30.13 -10.30
C PRO B 194 2.81 -30.04 -8.78
N THR B 195 3.79 -29.22 -8.35
CA THR B 195 4.12 -29.13 -6.91
C THR B 195 3.12 -28.26 -6.23
N MET B 196 2.17 -27.72 -6.97
CA MET B 196 1.14 -26.86 -6.39
C MET B 196 0.26 -27.57 -5.28
N TYR B 197 -0.39 -26.78 -4.39
CA TYR B 197 -1.20 -27.35 -3.30
C TYR B 197 -2.65 -26.87 -3.23
N PRO B 198 -3.56 -27.69 -3.73
CA PRO B 198 -4.95 -27.24 -3.76
C PRO B 198 -5.56 -27.68 -2.49
N ASP B 199 -6.09 -26.74 -1.72
CA ASP B 199 -6.33 -26.98 -0.32
C ASP B 199 -7.78 -26.75 -0.09
N PHE B 200 -8.53 -27.81 0.25
CA PHE B 200 -9.96 -27.64 0.55
C PHE B 200 -10.41 -27.75 2.01
N ARG B 201 -9.52 -27.52 2.98
CA ARG B 201 -9.91 -27.61 4.40
C ARG B 201 -10.94 -26.52 4.75
N PHE B 202 -10.99 -25.44 4.02
CA PHE B 202 -11.89 -24.37 4.43
C PHE B 202 -13.09 -24.36 3.52
N ALA B 203 -13.06 -25.15 2.44
CA ALA B 203 -14.08 -25.00 1.39
C ALA B 203 -15.53 -25.49 1.75
N THR B 204 -16.54 -24.73 1.30
CA THR B 204 -17.96 -25.09 1.56
C THR B 204 -18.82 -25.21 0.32
N ALA B 205 -19.69 -26.20 0.31
CA ALA B 205 -20.60 -26.35 -0.82
C ALA B 205 -22.07 -26.25 -0.35
N GLU B 206 -22.77 -25.22 -0.82
CA GLU B 206 -24.14 -24.88 -0.39
C GLU B 206 -24.14 -24.41 1.06
N GLY B 207 -23.03 -24.67 1.76
CA GLY B 207 -22.94 -24.36 3.18
C GLY B 207 -22.32 -25.50 3.97
N GLU B 208 -22.56 -26.74 3.57
CA GLU B 208 -21.87 -27.82 4.21
C GLU B 208 -20.38 -27.70 3.99
N SER B 209 -19.61 -28.24 4.91
CA SER B 209 -18.17 -28.21 4.79
C SER B 209 -17.75 -29.27 3.83
N LEU B 210 -16.91 -28.93 2.88
CA LEU B 210 -16.35 -29.92 2.01
C LEU B 210 -15.51 -30.97 2.70
N LEU B 211 -14.67 -30.57 3.65
CA LEU B 211 -13.75 -31.54 4.28
C LEU B 211 -14.54 -32.56 5.06
N LYS B 212 -15.61 -32.09 5.70
CA LYS B 212 -16.63 -32.98 6.25
C LYS B 212 -17.18 -33.98 5.22
N LEU B 213 -17.91 -33.47 4.23
CA LEU B 213 -18.58 -34.28 3.20
C LEU B 213 -17.69 -35.35 2.60
N ILE B 214 -16.50 -34.96 2.18
CA ILE B 214 -15.65 -35.89 1.46
C ILE B 214 -14.96 -36.85 2.43
N ASN B 215 -14.53 -36.31 3.56
CA ASN B 215 -13.86 -37.11 4.57
C ASN B 215 -13.04 -38.27 3.98
N ASP B 216 -12.02 -37.98 3.19
CA ASP B 216 -11.16 -39.03 2.69
C ASP B 216 -9.78 -38.45 2.33
N ASP B 217 -8.82 -38.64 3.23
CA ASP B 217 -7.44 -38.22 3.05
C ASP B 217 -6.71 -39.08 2.07
N VAL B 218 -7.23 -40.28 1.92
CA VAL B 218 -6.64 -41.17 0.98
C VAL B 218 -6.92 -40.61 -0.41
N TRP B 219 -8.16 -40.20 -0.63
CA TRP B 219 -8.59 -39.67 -1.90
C TRP B 219 -7.85 -38.37 -2.16
N ASN B 220 -7.92 -37.47 -1.19
CA ASN B 220 -7.16 -36.22 -1.21
C ASN B 220 -5.71 -36.38 -1.62
N ARG B 221 -5.03 -37.28 -0.96
CA ARG B 221 -3.62 -37.37 -1.07
C ARG B 221 -3.25 -38.06 -2.39
N ASP B 222 -4.05 -39.03 -2.82
CA ASP B 222 -3.61 -39.94 -3.87
C ASP B 222 -4.21 -39.70 -5.22
N THR B 223 -5.42 -39.18 -5.24
CA THR B 223 -6.11 -38.87 -6.49
C THR B 223 -6.15 -37.38 -6.71
N PHE B 224 -6.64 -36.67 -5.73
CA PHE B 224 -6.99 -35.29 -5.89
C PHE B 224 -5.81 -34.43 -6.27
N ILE B 225 -4.76 -34.53 -5.48
CA ILE B 225 -3.73 -33.53 -5.61
C ILE B 225 -3.01 -33.77 -6.88
N PRO B 226 -2.72 -35.01 -7.18
CA PRO B 226 -1.99 -35.17 -8.41
C PRO B 226 -2.92 -35.22 -9.67
N THR B 227 -4.23 -35.37 -9.51
CA THR B 227 -5.10 -35.23 -10.68
C THR B 227 -5.10 -33.78 -11.10
N VAL B 228 -5.25 -32.88 -10.13
CA VAL B 228 -5.26 -31.48 -10.39
C VAL B 228 -3.88 -31.15 -10.91
N GLY B 229 -2.87 -31.72 -10.29
CA GLY B 229 -1.51 -31.41 -10.70
C GLY B 229 -1.16 -31.86 -12.12
N LYS B 230 -1.64 -33.03 -12.55
CA LYS B 230 -1.19 -33.52 -13.86
C LYS B 230 -2.25 -33.28 -14.96
N ARG B 231 -3.25 -32.45 -14.68
CA ARG B 231 -4.40 -32.36 -15.56
C ARG B 231 -4.05 -32.02 -17.01
N GLY B 232 -3.14 -31.07 -17.17
CA GLY B 232 -2.76 -30.62 -18.47
C GLY B 232 -2.19 -31.74 -19.30
N ALA B 233 -1.58 -32.75 -18.67
CA ALA B 233 -0.99 -33.82 -19.47
C ALA B 233 -2.11 -34.77 -19.84
N ALA B 234 -3.12 -34.87 -18.98
CA ALA B 234 -4.27 -35.66 -19.36
C ALA B 234 -5.02 -35.01 -20.54
N ILE B 235 -5.14 -33.69 -20.57
CA ILE B 235 -5.81 -33.05 -21.72
C ILE B 235 -5.11 -33.43 -23.05
N ILE B 236 -3.78 -33.35 -23.05
CA ILE B 236 -2.93 -33.73 -24.18
C ILE B 236 -3.08 -35.23 -24.47
N GLU B 237 -3.20 -36.06 -23.44
CA GLU B 237 -3.43 -37.51 -23.67
C GLU B 237 -4.68 -37.72 -24.50
N ALA B 238 -5.77 -37.16 -24.02
CA ALA B 238 -7.06 -37.24 -24.70
C ALA B 238 -7.13 -36.56 -26.07
N ARG B 239 -6.62 -35.33 -26.15
CA ARG B 239 -6.97 -34.43 -27.23
C ARG B 239 -5.88 -34.30 -28.27
N GLY B 240 -4.64 -34.64 -27.90
CA GLY B 240 -3.52 -34.39 -28.81
C GLY B 240 -3.08 -32.93 -28.94
N LEU B 241 -3.79 -32.00 -28.31
CA LEU B 241 -3.29 -30.62 -28.23
C LEU B 241 -3.46 -30.23 -26.81
N SER B 242 -2.88 -29.10 -26.43
CA SER B 242 -2.91 -28.64 -25.04
C SER B 242 -4.15 -27.80 -24.71
N SER B 243 -4.39 -27.58 -23.41
CA SER B 243 -5.68 -27.09 -22.96
C SER B 243 -5.84 -25.59 -23.10
N ALA B 244 -5.70 -25.13 -24.34
CA ALA B 244 -5.74 -23.73 -24.69
C ALA B 244 -7.00 -23.00 -24.20
N ALA B 245 -8.13 -23.63 -24.45
CA ALA B 245 -9.39 -23.00 -24.23
C ALA B 245 -9.69 -22.75 -22.73
N SER B 246 -9.47 -23.76 -21.88
CA SER B 246 -9.68 -23.59 -20.43
C SER B 246 -8.62 -22.66 -19.78
N ALA B 247 -7.44 -22.64 -20.37
CA ALA B 247 -6.44 -21.60 -20.05
C ALA B 247 -6.91 -20.20 -20.41
N ALA B 248 -7.41 -20.01 -21.62
CA ALA B 248 -7.95 -18.72 -21.93
C ALA B 248 -8.99 -18.34 -20.90
N ASN B 249 -9.82 -19.29 -20.53
CA ASN B 249 -10.93 -19.00 -19.64
C ASN B 249 -10.49 -18.56 -18.23
N ALA B 250 -9.41 -19.16 -17.71
CA ALA B 250 -9.01 -18.82 -16.34
C ALA B 250 -8.28 -17.50 -16.31
N ALA B 251 -7.47 -17.26 -17.33
CA ALA B 251 -7.01 -15.89 -17.54
C ALA B 251 -8.14 -14.82 -17.45
N ILE B 252 -9.25 -15.02 -18.17
CA ILE B 252 -10.37 -14.07 -18.12
C ILE B 252 -10.98 -13.98 -16.71
N ASP B 253 -11.13 -15.14 -16.07
CA ASP B 253 -11.54 -15.17 -14.66
C ASP B 253 -10.57 -14.36 -13.78
N HIS B 254 -9.30 -14.70 -13.85
CA HIS B 254 -8.26 -13.99 -13.14
C HIS B 254 -8.42 -12.46 -13.28
N VAL B 255 -8.36 -11.99 -14.51
CA VAL B 255 -8.40 -10.56 -14.72
C VAL B 255 -9.73 -9.95 -14.36
N ARG B 256 -10.79 -10.60 -14.79
CA ARG B 256 -12.14 -10.03 -14.60
C ARG B 256 -12.50 -9.88 -13.11
N ASP B 257 -12.16 -10.91 -12.30
CA ASP B 257 -12.33 -10.87 -10.83
C ASP B 257 -11.47 -9.74 -10.27
N TRP B 258 -10.22 -9.65 -10.72
CA TRP B 258 -9.26 -8.65 -10.27
C TRP B 258 -9.79 -7.24 -10.46
N VAL B 259 -10.41 -7.01 -11.60
CA VAL B 259 -10.87 -5.66 -11.90
C VAL B 259 -12.30 -5.41 -11.42
N LEU B 260 -13.18 -6.38 -11.60
CA LEU B 260 -14.57 -6.18 -11.32
C LEU B 260 -14.97 -6.59 -9.90
N GLY B 261 -14.14 -7.41 -9.24
CA GLY B 261 -14.35 -7.89 -7.87
C GLY B 261 -14.83 -9.33 -7.74
N THR B 262 -14.69 -9.90 -6.53
CA THR B 262 -15.25 -11.20 -6.26
C THR B 262 -16.43 -11.17 -5.29
N ASN B 263 -16.85 -9.98 -4.88
CA ASN B 263 -18.03 -9.89 -4.04
C ASN B 263 -17.94 -10.67 -2.71
N GLY B 264 -16.73 -10.77 -2.17
CA GLY B 264 -16.54 -11.43 -0.91
C GLY B 264 -15.95 -12.82 -1.05
N LYS B 265 -16.01 -13.43 -2.24
CA LYS B 265 -15.48 -14.83 -2.44
C LYS B 265 -13.97 -14.91 -2.59
N TRP B 266 -13.44 -16.08 -2.30
CA TRP B 266 -12.03 -16.29 -2.48
C TRP B 266 -11.70 -16.68 -3.92
N VAL B 267 -10.55 -16.21 -4.40
CA VAL B 267 -9.97 -16.72 -5.63
C VAL B 267 -8.46 -16.77 -5.49
N THR B 268 -7.81 -17.68 -6.17
CA THR B 268 -6.37 -17.74 -6.09
C THR B 268 -5.69 -16.85 -7.12
N MET B 269 -4.67 -16.11 -6.67
CA MET B 269 -3.77 -15.43 -7.60
C MET B 269 -2.33 -15.64 -7.22
N GLY B 270 -1.49 -15.61 -8.25
CA GLY B 270 -0.07 -15.68 -8.05
C GLY B 270 0.37 -14.27 -7.87
N ILE B 271 0.63 -13.92 -6.61
CA ILE B 271 1.08 -12.56 -6.28
C ILE B 271 2.45 -12.54 -5.56
N PRO B 272 3.08 -11.36 -5.53
CA PRO B 272 4.31 -11.18 -4.82
C PRO B 272 4.09 -11.26 -3.32
N SER B 273 4.84 -12.14 -2.65
CA SER B 273 4.64 -12.37 -1.24
C SER B 273 4.90 -11.15 -0.36
N ASP B 274 4.02 -10.93 0.61
CA ASP B 274 4.25 -9.85 1.55
C ASP B 274 4.93 -10.48 2.80
N GLY B 275 5.40 -11.71 2.67
CA GLY B 275 6.01 -12.34 3.81
C GLY B 275 5.01 -13.16 4.62
N SER B 276 3.69 -13.06 4.36
CA SER B 276 2.67 -13.87 5.11
C SER B 276 2.87 -15.36 4.95
N TYR B 277 2.30 -16.14 5.86
CA TYR B 277 2.42 -17.61 5.80
C TYR B 277 3.85 -18.19 5.60
N GLY B 278 4.89 -17.41 5.92
CA GLY B 278 6.25 -17.94 5.86
C GLY B 278 6.85 -18.10 4.46
N ILE B 279 6.42 -17.22 3.53
CA ILE B 279 6.98 -17.16 2.18
C ILE B 279 7.82 -15.91 2.10
N PRO B 280 9.09 -16.00 1.66
CA PRO B 280 9.91 -14.82 1.65
C PRO B 280 9.37 -13.73 0.70
N GLU B 281 9.59 -12.50 1.06
CA GLU B 281 8.96 -11.41 0.38
C GLU B 281 9.32 -11.39 -1.11
N ASP B 282 8.34 -10.98 -1.92
CA ASP B 282 8.44 -10.77 -3.37
C ASP B 282 8.48 -12.00 -4.20
N ILE B 283 8.56 -13.18 -3.58
CA ILE B 283 8.45 -14.38 -4.43
C ILE B 283 7.00 -14.46 -4.88
N ILE B 284 6.77 -14.73 -6.16
CA ILE B 284 5.41 -14.87 -6.68
C ILE B 284 4.83 -16.25 -6.40
N TYR B 285 3.79 -16.26 -5.56
CA TYR B 285 3.30 -17.44 -4.89
C TYR B 285 1.79 -17.37 -4.84
N GLY B 286 1.11 -18.45 -5.24
CA GLY B 286 -0.33 -18.46 -5.17
C GLY B 286 -0.85 -18.48 -3.73
N VAL B 287 -1.82 -17.63 -3.45
CA VAL B 287 -2.50 -17.62 -2.16
C VAL B 287 -3.97 -17.14 -2.36
N PRO B 288 -4.83 -17.44 -1.42
CA PRO B 288 -6.21 -16.97 -1.63
C PRO B 288 -6.39 -15.46 -1.36
N VAL B 289 -7.16 -14.79 -2.23
CA VAL B 289 -7.42 -13.36 -2.10
C VAL B 289 -8.89 -13.02 -2.29
N ILE B 290 -9.29 -11.82 -1.90
CA ILE B 290 -10.64 -11.33 -2.16
C ILE B 290 -10.53 -10.01 -2.89
N CYS B 291 -11.26 -9.81 -4.00
CA CYS B 291 -11.10 -8.59 -4.80
C CYS B 291 -12.19 -7.59 -4.61
N GLU B 292 -11.78 -6.33 -4.54
CA GLU B 292 -12.71 -5.20 -4.53
C GLU B 292 -12.07 -3.91 -5.07
N ASN B 293 -12.87 -3.08 -5.77
CA ASN B 293 -12.40 -1.83 -6.40
C ASN B 293 -11.05 -1.96 -7.08
N GLY B 294 -10.92 -2.94 -7.97
CA GLY B 294 -9.65 -3.09 -8.69
C GLY B 294 -8.43 -3.51 -7.87
N GLU B 295 -8.57 -3.79 -6.57
CA GLU B 295 -7.46 -4.33 -5.77
C GLU B 295 -7.80 -5.70 -5.22
N TYR B 296 -6.76 -6.41 -4.80
CA TYR B 296 -6.99 -7.62 -4.02
C TYR B 296 -6.62 -7.40 -2.55
N LYS B 297 -7.18 -8.22 -1.66
CA LYS B 297 -6.76 -8.25 -0.25
C LYS B 297 -6.46 -9.71 0.13
N ARG B 298 -5.25 -10.02 0.62
CA ARG B 298 -4.95 -11.41 1.01
C ARG B 298 -5.94 -11.88 2.05
N VAL B 299 -6.34 -13.14 1.99
CA VAL B 299 -7.13 -13.73 3.06
C VAL B 299 -6.19 -14.16 4.18
N GLU B 300 -6.32 -13.62 5.39
CA GLU B 300 -5.28 -13.98 6.36
C GLU B 300 -5.63 -14.86 7.54
N GLY B 301 -4.59 -15.25 8.28
CA GLY B 301 -4.78 -15.87 9.57
C GLY B 301 -5.29 -17.27 9.45
N LEU B 302 -5.27 -17.80 8.24
CA LEU B 302 -5.53 -19.21 8.08
C LEU B 302 -4.54 -20.08 8.84
N GLU B 303 -5.12 -21.02 9.57
CA GLU B 303 -4.44 -22.16 10.15
C GLU B 303 -3.79 -23.12 9.12
N ILE B 304 -2.47 -23.26 9.21
CA ILE B 304 -1.68 -24.17 8.39
C ILE B 304 -1.30 -25.45 9.15
N ASP B 305 -1.95 -26.58 8.86
CA ASP B 305 -1.57 -27.82 9.55
C ASP B 305 -0.25 -28.40 9.03
N ALA B 306 0.25 -29.46 9.67
CA ALA B 306 1.56 -29.98 9.27
C ALA B 306 1.66 -30.63 7.88
N PHE B 307 0.62 -31.31 7.36
CA PHE B 307 0.64 -31.81 5.97
C PHE B 307 0.65 -30.62 5.01
N SER B 308 -0.14 -29.61 5.32
CA SER B 308 -0.27 -28.45 4.51
C SER B 308 1.04 -27.72 4.47
N ARG B 309 1.69 -27.62 5.64
CA ARG B 309 2.94 -26.90 5.73
C ARG B 309 4.01 -27.59 4.91
N GLU B 310 4.00 -28.91 4.93
CA GLU B 310 4.94 -29.61 4.13
C GLU B 310 4.71 -29.33 2.64
N LYS B 311 3.45 -29.31 2.19
CA LYS B 311 3.11 -29.08 0.77
C LYS B 311 3.54 -27.70 0.38
N MET B 312 3.23 -26.72 1.23
CA MET B 312 3.46 -25.31 0.89
C MET B 312 4.98 -25.00 0.82
N ASP B 313 5.75 -25.87 1.45
CA ASP B 313 7.16 -25.64 1.62
C ASP B 313 7.85 -26.35 0.47
N GLY B 314 7.21 -27.42 -0.02
CA GLY B 314 7.72 -28.15 -1.19
C GLY B 314 7.59 -27.27 -2.42
N THR B 315 6.49 -26.51 -2.53
CA THR B 315 6.30 -25.68 -3.70
C THR B 315 7.15 -24.43 -3.53
N LEU B 316 7.38 -23.99 -2.30
CA LEU B 316 8.35 -22.90 -2.12
C LEU B 316 9.79 -23.33 -2.47
N ALA B 317 10.16 -24.56 -2.15
CA ALA B 317 11.51 -25.04 -2.56
C ALA B 317 11.66 -24.98 -4.07
N GLU B 318 10.65 -25.34 -4.83
CA GLU B 318 10.79 -25.25 -6.28
C GLU B 318 10.91 -23.80 -6.84
N LEU B 319 10.12 -22.86 -6.29
CA LEU B 319 10.25 -21.48 -6.74
C LEU B 319 11.67 -20.85 -6.45
N LEU B 320 12.27 -21.20 -5.30
CA LEU B 320 13.57 -20.65 -4.88
C LEU B 320 14.60 -21.11 -5.84
N GLU B 321 14.48 -22.38 -6.16
CA GLU B 321 15.31 -23.00 -7.16
C GLU B 321 15.09 -22.45 -8.62
N GLU B 322 13.88 -22.09 -9.01
CA GLU B 322 13.74 -21.65 -10.37
C GLU B 322 14.42 -20.30 -10.48
N ARG B 323 14.09 -19.42 -9.53
CA ARG B 323 14.62 -18.11 -9.50
C ARG B 323 16.14 -18.12 -9.38
N ASP B 324 16.65 -19.09 -8.65
CA ASP B 324 18.08 -19.19 -8.41
C ASP B 324 18.83 -19.38 -9.73
N GLY B 325 18.17 -19.99 -10.69
CA GLY B 325 18.72 -20.15 -12.00
C GLY B 325 18.60 -19.00 -12.98
N VAL B 326 17.82 -18.00 -12.66
CA VAL B 326 17.76 -16.87 -13.51
C VAL B 326 18.29 -15.64 -12.82
N ALA B 327 18.71 -15.83 -11.59
CA ALA B 327 19.24 -14.77 -10.78
C ALA B 327 20.08 -13.74 -11.49
N HIS B 328 21.15 -14.14 -12.13
CA HIS B 328 21.87 -13.23 -12.95
C HIS B 328 20.92 -12.80 -14.05
N LEU B 329 21.02 -11.59 -14.53
CA LEU B 329 19.98 -11.04 -15.42
C LEU B 329 18.81 -10.59 -14.57
N LYS C 7 -6.79 15.69 41.75
CA LYS C 7 -7.30 15.59 40.35
C LYS C 7 -6.80 14.37 39.51
N PRO C 8 -7.74 13.57 38.91
CA PRO C 8 -7.38 12.22 38.46
C PRO C 8 -6.37 12.23 37.31
N ALA C 9 -5.45 11.29 37.35
CA ALA C 9 -4.36 11.22 36.39
C ALA C 9 -4.91 11.03 35.00
N LYS C 10 -4.24 11.62 34.00
CA LYS C 10 -4.58 11.38 32.60
C LYS C 10 -3.55 10.44 31.96
N ARG C 11 -3.98 9.40 31.22
CA ARG C 11 -3.01 8.51 30.55
C ARG C 11 -2.61 9.07 29.21
N VAL C 12 -1.32 9.38 29.05
CA VAL C 12 -0.67 9.73 27.81
C VAL C 12 0.19 8.58 27.26
N ALA C 13 -0.22 7.99 26.12
CA ALA C 13 0.63 6.96 25.46
C ALA C 13 1.67 7.57 24.52
N VAL C 14 2.87 6.99 24.47
CA VAL C 14 3.88 7.51 23.58
C VAL C 14 4.60 6.38 22.91
N THR C 15 4.63 6.36 21.56
CA THR C 15 5.37 5.27 20.86
C THR C 15 6.80 5.72 20.63
N GLY C 16 7.63 4.86 20.03
CA GLY C 16 9.04 5.17 19.83
C GLY C 16 9.64 5.64 21.14
N ALA C 17 9.35 4.93 22.24
CA ALA C 17 9.70 5.42 23.56
C ALA C 17 11.20 5.41 23.84
N ALA C 18 11.95 4.61 23.10
CA ALA C 18 13.41 4.63 23.29
C ALA C 18 14.14 5.55 22.28
N GLY C 19 13.39 6.13 21.34
CA GLY C 19 13.95 7.03 20.34
C GLY C 19 14.29 8.45 20.78
N GLN C 20 14.83 9.20 19.82
CA GLN C 20 15.41 10.48 20.13
C GLN C 20 14.33 11.51 20.44
N ILE C 21 13.20 11.44 19.75
CA ILE C 21 12.19 12.47 19.95
C ILE C 21 11.53 12.26 21.30
N ALA C 22 11.18 10.99 21.60
CA ALA C 22 10.72 10.63 22.95
C ALA C 22 11.66 11.09 24.06
N TYR C 23 12.97 10.92 23.87
CA TYR C 23 13.93 11.45 24.85
C TYR C 23 13.76 12.93 25.14
N SER C 24 13.44 13.76 24.14
CA SER C 24 13.24 15.19 24.47
C SER C 24 11.79 15.52 24.88
N LEU C 25 10.91 14.53 24.79
CA LEU C 25 9.50 14.73 25.02
C LEU C 25 9.08 14.25 26.41
N LEU C 26 9.55 13.06 26.80
CA LEU C 26 9.01 12.45 28.00
C LEU C 26 9.15 13.29 29.25
N PHE C 27 10.30 13.94 29.39
CA PHE C 27 10.64 14.75 30.54
C PHE C 27 9.84 16.05 30.64
N ARG C 28 9.49 16.65 29.51
CA ARG C 28 8.61 17.82 29.61
C ARG C 28 7.15 17.46 29.88
N ILE C 29 6.69 16.35 29.34
CA ILE C 29 5.38 15.81 29.73
C ILE C 29 5.23 15.52 31.22
N ALA C 30 6.22 14.86 31.82
CA ALA C 30 6.15 14.51 33.26
C ALA C 30 6.27 15.76 34.14
N ASN C 31 6.76 16.85 33.54
CA ASN C 31 6.95 18.07 34.27
C ASN C 31 5.67 18.88 34.10
N GLY C 32 4.77 18.35 33.27
CA GLY C 32 3.44 18.94 33.12
C GLY C 32 3.29 19.92 31.96
N ASP C 33 4.24 19.96 31.06
CA ASP C 33 4.16 20.95 29.99
C ASP C 33 3.04 20.58 29.00
N LEU C 34 2.52 19.34 29.10
CA LEU C 34 1.61 18.82 28.06
C LEU C 34 0.17 19.22 28.37
N LEU C 35 -0.27 18.93 29.59
CA LEU C 35 -1.62 19.14 29.99
C LEU C 35 -1.73 20.13 31.13
N GLY C 36 -0.67 20.87 31.40
CA GLY C 36 -0.70 21.78 32.55
C GLY C 36 -0.09 21.37 33.92
N LYS C 37 0.33 22.41 34.64
CA LYS C 37 0.97 22.27 35.94
C LYS C 37 0.15 21.54 37.01
N ASP C 38 -1.14 21.32 36.79
CA ASP C 38 -1.95 20.74 37.89
C ASP C 38 -2.58 19.38 37.57
N GLN C 39 -2.24 18.86 36.42
CA GLN C 39 -2.81 17.64 35.92
C GLN C 39 -1.82 16.52 36.00
N PRO C 40 -1.97 15.60 36.98
CA PRO C 40 -1.06 14.47 36.97
C PRO C 40 -1.23 13.61 35.72
N VAL C 41 -0.19 12.84 35.40
CA VAL C 41 -0.13 12.05 34.21
C VAL C 41 0.34 10.63 34.54
N ILE C 42 -0.08 9.67 33.73
CA ILE C 42 0.45 8.35 33.83
C ILE C 42 1.05 8.11 32.46
N LEU C 43 2.31 7.69 32.41
CA LEU C 43 2.90 7.50 31.12
C LEU C 43 2.75 6.08 30.65
N GLN C 44 2.29 5.96 29.42
CA GLN C 44 2.17 4.67 28.84
C GLN C 44 3.07 4.52 27.61
N LEU C 45 4.24 3.92 27.82
CA LEU C 45 5.29 3.92 26.78
C LEU C 45 5.35 2.64 25.88
N LEU C 46 5.28 2.77 24.57
CA LEU C 46 5.49 1.59 23.65
C LEU C 46 6.81 1.59 22.85
N ASP C 47 7.42 0.44 22.58
CA ASP C 47 8.55 0.32 21.58
C ASP C 47 8.81 -1.15 21.26
N LEU C 48 9.81 -1.42 20.44
CA LEU C 48 10.04 -2.84 20.00
C LEU C 48 10.39 -3.81 21.17
N PRO C 49 10.29 -5.12 20.94
CA PRO C 49 10.70 -5.97 22.08
C PRO C 49 12.17 -5.69 22.46
N GLN C 50 13.04 -5.58 21.47
CA GLN C 50 14.47 -5.43 21.68
C GLN C 50 14.86 -4.05 22.22
N ALA C 51 13.87 -3.20 22.42
CA ALA C 51 14.19 -1.82 22.85
C ALA C 51 13.68 -1.67 24.25
N GLN C 52 13.08 -2.74 24.77
CA GLN C 52 12.46 -2.67 26.08
C GLN C 52 13.51 -2.31 27.12
N ALA C 53 14.73 -2.83 26.98
CA ALA C 53 15.79 -2.53 27.98
C ALA C 53 16.08 -1.02 28.01
N ALA C 54 16.21 -0.41 26.84
CA ALA C 54 16.43 1.02 26.76
C ALA C 54 15.25 1.78 27.36
N VAL C 55 14.05 1.28 27.16
CA VAL C 55 12.93 2.05 27.67
C VAL C 55 13.07 2.12 29.17
N LYS C 56 13.58 1.02 29.77
CA LYS C 56 13.63 0.98 31.25
C LYS C 56 14.59 2.00 31.74
N GLY C 57 15.66 2.15 30.98
CA GLY C 57 16.67 3.18 31.30
C GLY C 57 16.10 4.58 31.31
N VAL C 58 15.24 4.87 30.31
CA VAL C 58 14.64 6.16 30.23
C VAL C 58 13.75 6.35 31.42
N VAL C 59 12.94 5.33 31.74
CA VAL C 59 12.12 5.38 32.94
C VAL C 59 12.98 5.49 34.25
N MET C 60 14.16 4.86 34.27
CA MET C 60 15.10 5.11 35.35
C MET C 60 15.39 6.60 35.46
N GLU C 61 15.65 7.27 34.33
CA GLU C 61 15.94 8.69 34.42
C GLU C 61 14.72 9.49 34.86
N LEU C 62 13.53 9.14 34.37
CA LEU C 62 12.34 9.88 34.80
C LEU C 62 12.17 9.78 36.32
N ASP C 63 12.34 8.56 36.84
CA ASP C 63 12.19 8.36 38.24
C ASP C 63 13.16 9.24 39.02
N ASP C 64 14.39 9.32 38.49
CA ASP C 64 15.43 10.20 39.03
C ASP C 64 15.14 11.69 38.92
N CYS C 65 14.07 12.11 38.23
CA CYS C 65 13.70 13.54 38.34
C CYS C 65 12.79 13.92 39.53
N ALA C 66 12.10 12.95 40.11
CA ALA C 66 11.19 13.24 41.20
C ALA C 66 10.23 14.30 40.73
N PHE C 67 9.51 13.97 39.66
CA PHE C 67 8.48 14.86 39.14
C PHE C 67 7.28 14.57 39.99
N PRO C 68 6.70 15.61 40.65
CA PRO C 68 5.49 15.29 41.42
C PRO C 68 4.25 14.95 40.58
N LEU C 69 4.20 15.27 39.30
CA LEU C 69 2.98 14.95 38.52
C LEU C 69 2.94 13.52 37.93
N LEU C 70 4.09 12.85 37.98
CA LEU C 70 4.18 11.59 37.32
C LEU C 70 3.56 10.55 38.24
N ALA C 71 2.29 10.29 38.07
CA ALA C 71 1.54 9.42 38.99
C ALA C 71 1.75 7.97 38.65
N GLY C 72 2.59 7.69 37.66
CA GLY C 72 2.83 6.29 37.28
C GLY C 72 3.31 6.09 35.86
N VAL C 73 3.81 4.89 35.56
CA VAL C 73 4.41 4.61 34.27
C VAL C 73 4.17 3.20 33.78
N VAL C 74 3.80 3.05 32.52
CA VAL C 74 3.70 1.72 31.94
C VAL C 74 4.70 1.52 30.82
N ILE C 75 5.32 0.35 30.78
CA ILE C 75 6.29 0.02 29.75
C ILE C 75 5.91 -1.28 29.04
N THR C 76 5.88 -1.29 27.71
CA THR C 76 5.42 -2.49 27.04
C THR C 76 5.84 -2.53 25.60
N ASP C 77 5.67 -3.68 24.94
CA ASP C 77 5.99 -3.81 23.48
C ASP C 77 4.71 -4.22 22.73
N ASP C 78 3.61 -4.12 23.46
CA ASP C 78 2.35 -4.56 22.97
C ASP C 78 1.42 -3.35 22.85
N PRO C 79 0.99 -3.04 21.61
CA PRO C 79 0.15 -1.88 21.36
C PRO C 79 -1.14 -1.88 22.14
N LYS C 80 -1.77 -3.04 22.32
CA LYS C 80 -3.05 -3.06 23.00
C LYS C 80 -2.88 -2.70 24.48
N VAL C 81 -1.69 -2.99 25.03
CA VAL C 81 -1.40 -2.66 26.42
C VAL C 81 -1.08 -1.16 26.55
N ALA C 82 -0.23 -0.65 25.65
CA ALA C 82 0.19 0.75 25.64
C ALA C 82 -1.00 1.71 25.46
N PHE C 83 -1.92 1.36 24.57
CA PHE C 83 -3.03 2.28 24.32
C PHE C 83 -4.19 2.19 25.29
N LYS C 84 -4.11 1.32 26.30
CA LYS C 84 -5.29 1.09 27.12
C LYS C 84 -5.77 2.25 27.97
N ASP C 85 -6.94 2.75 27.59
CA ASP C 85 -7.61 3.78 28.39
C ASP C 85 -6.90 5.08 28.23
N ALA C 86 -6.16 5.18 27.12
CA ALA C 86 -5.42 6.39 26.81
C ALA C 86 -6.32 7.57 26.55
N ASP C 87 -5.96 8.65 27.23
CA ASP C 87 -6.63 9.90 27.13
C ASP C 87 -5.94 10.77 26.06
N VAL C 88 -4.62 10.55 25.86
CA VAL C 88 -3.87 11.14 24.73
C VAL C 88 -2.88 10.15 24.20
N ALA C 89 -2.71 10.10 22.88
CA ALA C 89 -1.74 9.19 22.25
C ALA C 89 -0.88 9.92 21.25
N LEU C 90 0.41 9.93 21.52
CA LEU C 90 1.42 10.55 20.66
C LEU C 90 2.15 9.46 19.86
N LEU C 91 1.91 9.41 18.58
CA LEU C 91 2.49 8.31 17.83
C LEU C 91 3.78 8.74 17.15
N VAL C 92 4.89 8.61 17.89
CA VAL C 92 6.14 9.14 17.44
C VAL C 92 6.92 8.09 16.65
N GLY C 93 6.74 6.82 17.03
CA GLY C 93 7.52 5.77 16.42
C GLY C 93 7.20 5.61 14.94
N ALA C 94 8.22 5.39 14.10
CA ALA C 94 7.98 5.15 12.68
C ALA C 94 9.22 4.53 12.01
N ARG C 95 9.03 3.91 10.85
CA ARG C 95 10.17 3.39 10.12
C ARG C 95 10.96 4.54 9.57
N PRO C 96 12.29 4.49 9.68
CA PRO C 96 13.15 5.53 9.13
C PRO C 96 13.25 5.29 7.66
N ARG C 97 13.46 6.36 6.89
CA ARG C 97 13.75 6.25 5.47
C ARG C 97 15.22 5.90 5.42
N SER C 98 15.55 4.74 4.86
CA SER C 98 16.95 4.37 4.79
C SER C 98 17.54 4.74 3.41
N LYS C 99 18.82 5.17 3.41
CA LYS C 99 19.62 5.16 2.16
C LYS C 99 19.26 3.85 1.41
N GLY C 100 18.98 3.96 0.11
CA GLY C 100 18.62 2.82 -0.73
C GLY C 100 17.15 2.47 -0.75
N MET C 101 16.37 3.23 0.00
CA MET C 101 14.94 2.96 0.17
C MET C 101 14.09 4.09 -0.45
N GLU C 102 13.21 3.75 -1.38
CA GLU C 102 12.43 4.80 -2.06
C GLU C 102 11.25 5.45 -1.29
N ARG C 103 10.92 6.69 -1.64
CA ARG C 103 9.84 7.42 -0.98
C ARG C 103 8.64 6.52 -0.81
N LYS C 104 8.27 5.82 -1.86
CA LYS C 104 7.07 5.00 -1.81
C LYS C 104 7.33 3.82 -0.90
N ASP C 105 8.59 3.42 -0.75
CA ASP C 105 8.94 2.36 0.19
C ASP C 105 8.76 2.86 1.61
CA LEU C 106 8.75 4.68 2.96
C LEU C 106 7.31 4.51 3.42
N LEU C 107 6.37 4.82 2.51
CA LEU C 107 4.92 4.80 2.80
C LEU C 107 4.38 3.38 3.10
N SER C 108 4.91 2.39 2.42
CA SER C 108 4.27 1.11 2.53
C SER C 108 4.74 0.37 3.79
N ALA C 109 5.94 0.69 4.24
CA ALA C 109 6.44 0.03 5.43
C ALA C 109 5.75 0.67 6.61
N ASN C 110 5.50 1.96 6.53
CA ASN C 110 4.85 2.65 7.61
C ASN C 110 3.35 2.33 7.71
N ALA C 111 2.75 1.85 6.61
CA ALA C 111 1.32 1.46 6.64
C ALA C 111 1.12 0.24 7.53
N GLU C 112 1.95 -0.79 7.34
CA GLU C 112 1.82 -1.96 8.21
C GLU C 112 1.84 -1.56 9.69
N ILE C 113 2.60 -0.49 10.03
CA ILE C 113 2.69 -0.06 11.44
C ILE C 113 1.43 0.69 11.85
N PHE C 114 0.92 1.57 11.00
CA PHE C 114 -0.18 2.42 11.43
C PHE C 114 -1.56 1.83 11.31
N THR C 115 -1.69 0.81 10.49
CA THR C 115 -2.90 0.05 10.49
C THR C 115 -2.94 -0.69 11.83
N VAL C 116 -1.81 -1.27 12.27
CA VAL C 116 -1.76 -2.01 13.54
C VAL C 116 -2.07 -1.14 14.77
N GLN C 117 -1.51 0.07 14.80
CA GLN C 117 -1.67 0.90 15.98
C GLN C 117 -3.03 1.58 16.04
N GLY C 118 -3.61 1.89 14.87
CA GLY C 118 -4.96 2.49 14.81
C GLY C 118 -6.02 1.48 15.22
N ALA C 119 -5.85 0.24 14.77
CA ALA C 119 -6.68 -0.89 15.19
C ALA C 119 -6.54 -1.14 16.66
N ALA C 120 -5.37 -0.85 17.25
CA ALA C 120 -5.22 -1.08 18.70
C ALA C 120 -5.91 0.05 19.46
N LEU C 121 -5.73 1.28 18.99
CA LEU C 121 -6.47 2.38 19.60
C LEU C 121 -7.96 2.12 19.51
N ASN C 122 -8.35 1.48 18.41
CA ASN C 122 -9.78 1.43 18.09
C ASN C 122 -10.48 0.58 19.12
N GLU C 123 -9.80 -0.51 19.48
CA GLU C 123 -10.31 -1.47 20.45
C GLU C 123 -10.18 -1.08 21.91
N VAL C 124 -9.11 -0.33 22.28
CA VAL C 124 -8.79 -0.10 23.69
C VAL C 124 -8.69 1.31 24.25
N ALA C 125 -8.31 2.29 23.44
CA ALA C 125 -8.10 3.64 23.96
C ALA C 125 -9.44 4.20 24.48
N SER C 126 -9.41 5.27 25.26
CA SER C 126 -10.65 5.88 25.65
C SER C 126 -11.38 6.32 24.35
N ARG C 127 -12.65 6.67 24.46
CA ARG C 127 -13.46 6.94 23.29
C ARG C 127 -13.11 8.31 22.74
N ASP C 128 -12.33 9.05 23.53
CA ASP C 128 -12.02 10.43 23.21
C ASP C 128 -10.57 10.65 22.99
N VAL C 129 -9.80 9.57 22.98
CA VAL C 129 -8.40 9.71 22.83
C VAL C 129 -8.07 10.78 21.76
N LYS C 130 -7.22 11.72 22.13
CA LYS C 130 -6.65 12.63 21.16
C LYS C 130 -5.39 12.00 20.61
N VAL C 131 -5.34 11.81 19.30
CA VAL C 131 -4.19 11.20 18.66
C VAL C 131 -3.44 12.25 17.87
N LEU C 132 -2.13 12.32 18.11
CA LEU C 132 -1.22 13.13 17.31
C LEU C 132 -0.09 12.25 16.75
N VAL C 133 -0.05 12.15 15.43
CA VAL C 133 0.99 11.45 14.73
C VAL C 133 2.16 12.41 14.40
N VAL C 134 3.38 11.99 14.78
CA VAL C 134 4.53 12.84 14.64
C VAL C 134 5.53 12.19 13.68
N GLY C 135 5.65 10.87 13.79
CA GLY C 135 6.51 10.12 12.88
C GLY C 135 6.11 10.23 11.42
N ASN C 136 7.11 10.46 10.59
CA ASN C 136 6.95 10.55 9.13
C ASN C 136 6.63 9.27 8.41
N PRO C 137 5.88 9.38 7.28
CA PRO C 137 5.21 10.61 6.75
C PRO C 137 3.90 10.89 7.47
N ALA C 138 3.90 11.95 8.26
CA ALA C 138 2.91 12.20 9.28
C ALA C 138 1.44 12.26 8.80
N ASN C 139 1.16 13.04 7.74
CA ASN C 139 -0.22 13.20 7.19
C ASN C 139 -0.86 11.87 6.80
N THR C 140 -0.16 11.18 5.90
CA THR C 140 -0.61 9.88 5.46
C THR C 140 -0.67 8.91 6.61
N ASN C 141 0.36 8.93 7.47
CA ASN C 141 0.39 8.05 8.65
C ASN C 141 -0.86 8.30 9.46
N ALA C 142 -1.17 9.56 9.74
CA ALA C 142 -2.37 9.89 10.54
C ALA C 142 -3.60 9.41 9.80
N TYR C 143 -3.55 9.55 8.49
CA TYR C 143 -4.65 9.11 7.66
C TYR C 143 -4.82 7.58 7.73
N ILE C 144 -3.73 6.84 7.76
CA ILE C 144 -3.90 5.42 7.66
C ILE C 144 -4.49 4.98 8.98
N ALA C 145 -4.19 5.71 10.04
CA ALA C 145 -4.49 5.19 11.33
C ALA C 145 -5.94 5.54 11.55
N MET C 146 -6.38 6.64 11.01
CA MET C 146 -7.77 7.04 11.08
C MET C 146 -8.72 6.01 10.49
N LYS C 147 -8.39 5.50 9.32
CA LYS C 147 -9.21 4.53 8.66
C LYS C 147 -9.31 3.23 9.37
N SER C 148 -8.23 2.90 10.07
CA SER C 148 -8.06 1.73 10.88
C SER C 148 -8.75 1.82 12.18
N ALA C 149 -9.39 2.93 12.44
CA ALA C 149 -10.11 3.09 13.65
C ALA C 149 -11.52 3.54 13.40
N PRO C 150 -12.32 2.69 12.79
CA PRO C 150 -13.66 3.11 12.44
C PRO C 150 -14.58 3.41 13.60
N ASP C 151 -14.27 3.01 14.81
CA ASP C 151 -15.12 3.31 15.92
C ASP C 151 -14.75 4.51 16.72
N LEU C 152 -13.70 5.20 16.31
CA LEU C 152 -13.30 6.45 16.88
C LEU C 152 -13.50 7.60 15.92
N PRO C 153 -13.76 8.75 16.47
CA PRO C 153 -14.14 9.93 15.72
C PRO C 153 -13.12 10.59 14.81
N LYS C 154 -13.21 10.39 13.51
CA LYS C 154 -12.28 10.98 12.57
C LYS C 154 -11.57 12.19 13.05
N LYS C 155 -12.24 13.03 13.80
CA LYS C 155 -11.70 14.29 14.16
C LYS C 155 -10.63 14.29 15.19
N ASN C 156 -10.52 13.24 15.96
CA ASN C 156 -9.51 13.14 16.96
C ASN C 156 -8.21 12.58 16.46
N PHE C 157 -8.08 12.47 15.16
CA PHE C 157 -6.86 12.07 14.52
C PHE C 157 -6.13 13.24 13.85
N THR C 158 -4.92 13.51 14.23
CA THR C 158 -4.26 14.65 13.69
C THR C 158 -2.81 14.41 13.35
N ALA C 159 -2.28 15.20 12.43
CA ALA C 159 -0.87 15.12 12.07
C ALA C 159 -0.20 16.42 12.45
N MET C 160 1.12 16.38 12.54
CA MET C 160 1.87 17.48 13.16
C MET C 160 2.44 18.41 12.12
N LEU C 161 1.82 19.58 12.04
CA LEU C 161 2.32 20.65 11.19
C LEU C 161 2.84 21.78 12.04
N ARG C 162 2.86 21.59 13.35
CA ARG C 162 3.16 22.69 14.25
C ARG C 162 4.63 23.12 14.26
N LEU C 163 5.49 22.25 13.76
CA LEU C 163 6.88 22.52 13.75
C LEU C 163 7.12 23.44 12.55
N ASP C 164 6.60 23.02 11.40
CA ASP C 164 6.51 23.85 10.21
C ASP C 164 5.97 25.20 10.52
N HIS C 165 4.82 25.27 11.19
CA HIS C 165 4.29 26.55 11.67
C HIS C 165 5.32 27.28 12.52
N ASN C 166 5.87 26.58 13.51
CA ASN C 166 6.80 27.22 14.39
C ASN C 166 8.05 27.69 13.67
N ARG C 167 8.58 26.91 12.73
CA ARG C 167 9.78 27.28 11.97
C ARG C 167 9.54 28.48 11.02
N ALA C 168 8.36 28.50 10.43
CA ALA C 168 7.90 29.70 9.78
C ALA C 168 7.94 30.93 10.71
N LEU C 169 7.42 30.82 11.93
CA LEU C 169 7.47 31.99 12.86
C LEU C 169 8.87 32.54 13.15
N SER C 170 9.89 31.69 13.20
CA SER C 170 11.22 32.21 13.43
C SER C 170 11.79 32.91 12.22
N GLN C 171 11.32 32.54 11.04
CA GLN C 171 11.81 33.15 9.82
C GLN C 171 11.21 34.51 9.71
N LEU C 172 9.89 34.56 9.94
CA LEU C 172 9.14 35.82 9.92
C LEU C 172 9.77 36.72 10.95
N ALA C 173 9.87 36.24 12.17
CA ALA C 173 10.53 36.98 13.24
C ALA C 173 11.85 37.65 12.85
N ALA C 174 12.79 36.89 12.29
CA ALA C 174 14.13 37.40 12.02
C ALA C 174 14.15 38.28 10.77
N LYS C 175 13.05 38.26 10.00
CA LYS C 175 12.91 39.18 8.88
C LYS C 175 12.22 40.46 9.31
N SER C 176 11.03 40.38 9.87
CA SER C 176 10.38 41.61 10.31
C SER C 176 11.19 42.30 11.37
N GLY C 177 12.18 41.55 11.92
CA GLY C 177 12.81 41.90 13.19
C GLY C 177 11.80 42.21 14.30
N LYS C 178 10.68 41.52 14.37
CA LYS C 178 9.78 41.75 15.49
C LYS C 178 9.84 40.58 16.49
N PRO C 179 9.40 40.83 17.74
CA PRO C 179 9.40 39.78 18.76
C PRO C 179 8.71 38.55 18.20
N VAL C 180 9.31 37.39 18.40
CA VAL C 180 8.83 36.21 17.72
C VAL C 180 7.48 35.78 18.29
N ALA C 181 7.13 36.29 19.47
CA ALA C 181 5.82 35.99 20.10
C ALA C 181 4.69 36.96 19.76
N SER C 182 5.00 38.13 19.24
CA SER C 182 3.93 39.10 18.94
C SER C 182 3.22 38.77 17.61
N ILE C 183 3.74 37.79 16.87
CA ILE C 183 3.18 37.40 15.59
C ILE C 183 1.79 36.78 15.75
N GLU C 184 0.94 36.98 14.75
CA GLU C 184 -0.45 36.51 14.80
C GLU C 184 -1.05 36.19 13.42
N LYS C 185 -2.01 35.28 13.43
CA LYS C 185 -2.75 34.93 12.24
C LYS C 185 -1.82 34.40 11.14
N LEU C 186 -0.92 33.50 11.53
CA LEU C 186 -0.10 32.81 10.55
C LEU C 186 -0.73 31.45 10.18
N ALA C 187 -0.44 30.92 9.00
CA ALA C 187 -1.02 29.65 8.60
C ALA C 187 -0.13 28.80 7.70
N VAL C 188 0.05 27.52 8.06
CA VAL C 188 0.71 26.62 7.13
C VAL C 188 -0.31 25.67 6.52
N TRP C 189 -0.24 25.39 5.21
CA TRP C 189 -1.29 24.62 4.58
C TRP C 189 -0.64 23.36 4.08
N GLY C 190 -1.26 22.19 4.30
CA GLY C 190 -0.89 21.04 3.51
C GLY C 190 -0.15 19.89 4.19
N ASN C 191 0.76 19.27 3.44
CA ASN C 191 1.61 18.14 3.86
C ASN C 191 2.85 18.55 4.62
N HIS C 192 3.07 17.96 5.78
CA HIS C 192 4.39 18.05 6.43
C HIS C 192 5.45 17.57 5.47
N SER C 193 5.91 18.46 4.61
CA SER C 193 7.00 18.15 3.71
C SER C 193 7.45 19.42 3.06
N PRO C 194 8.44 19.32 2.18
CA PRO C 194 8.92 20.50 1.52
C PRO C 194 7.93 21.05 0.50
N THR C 195 6.77 20.42 0.32
CA THR C 195 5.74 21.09 -0.46
C THR C 195 4.73 21.83 0.42
N MET C 196 5.00 22.07 1.68
CA MET C 196 3.94 22.74 2.43
C MET C 196 3.92 24.20 2.01
N TYR C 197 2.93 24.95 2.47
CA TYR C 197 2.76 26.35 2.08
C TYR C 197 2.60 27.29 3.28
N PRO C 198 3.71 27.92 3.71
CA PRO C 198 3.58 28.82 4.86
C PRO C 198 3.06 30.16 4.41
N ASP C 199 1.90 30.55 4.95
CA ASP C 199 1.15 31.69 4.46
C ASP C 199 1.02 32.80 5.48
N PHE C 200 1.81 33.85 5.36
CA PHE C 200 1.69 34.96 6.25
C PHE C 200 0.69 36.02 5.89
N ARG C 201 0.19 35.89 4.70
CA ARG C 201 -0.58 36.93 4.03
C ARG C 201 -1.27 37.83 5.05
N PHE C 202 -2.09 37.21 5.89
CA PHE C 202 -2.92 37.85 6.88
C PHE C 202 -2.30 38.14 8.19
N ALA C 203 -1.02 37.81 8.32
CA ALA C 203 -0.37 37.87 9.59
C ALA C 203 0.14 39.21 10.04
N THR C 204 -0.12 39.51 11.29
CA THR C 204 0.30 40.72 11.90
C THR C 204 1.39 40.49 12.90
N ALA C 205 1.98 41.57 13.38
CA ALA C 205 3.04 41.50 14.36
C ALA C 205 3.03 42.79 15.19
N GLU C 206 2.31 42.78 16.31
CA GLU C 206 2.26 44.00 17.11
C GLU C 206 1.25 45.00 16.52
N GLY C 207 0.74 44.70 15.33
CA GLY C 207 -0.18 45.59 14.65
C GLY C 207 0.17 45.68 13.18
N GLU C 208 1.41 46.03 12.86
CA GLU C 208 1.81 46.05 11.45
C GLU C 208 1.43 44.74 10.73
N SER C 209 0.81 44.87 9.57
CA SER C 209 0.63 43.73 8.68
C SER C 209 2.01 43.22 8.40
N LEU C 210 2.22 41.93 8.48
CA LEU C 210 3.55 41.42 8.16
C LEU C 210 3.85 41.70 6.68
N LEU C 211 2.90 41.26 5.85
CA LEU C 211 2.93 41.43 4.40
C LEU C 211 3.31 42.84 3.89
N LYS C 212 2.78 43.86 4.54
CA LYS C 212 3.20 45.23 4.27
C LYS C 212 4.60 45.44 4.80
N LEU C 213 4.85 45.00 6.02
CA LEU C 213 6.12 45.20 6.67
C LEU C 213 7.22 44.64 5.84
N ILE C 214 6.96 43.57 5.13
CA ILE C 214 8.00 42.90 4.37
C ILE C 214 7.81 42.96 2.86
N ASN C 215 6.61 42.61 2.44
CA ASN C 215 6.31 42.65 1.04
C ASN C 215 7.26 41.79 0.27
N ASP C 216 8.42 42.32 -0.02
CA ASP C 216 9.41 41.57 -0.78
C ASP C 216 8.91 40.18 -1.14
N ASP C 217 8.04 40.13 -2.14
CA ASP C 217 7.42 38.91 -2.59
C ASP C 217 8.42 38.02 -3.20
N VAL C 218 9.62 38.53 -3.28
CA VAL C 218 10.73 37.82 -3.84
C VAL C 218 11.38 36.93 -2.82
N TRP C 219 11.44 37.42 -1.59
CA TRP C 219 12.09 36.76 -0.50
C TRP C 219 11.28 35.54 -0.15
N ASN C 220 9.98 35.71 -0.36
CA ASN C 220 8.99 34.71 -0.14
C ASN C 220 9.13 33.48 -1.00
N ARG C 221 9.27 33.66 -2.29
CA ARG C 221 9.36 32.55 -3.19
C ARG C 221 10.72 31.94 -3.21
N ASP C 222 11.72 32.78 -3.07
CA ASP C 222 13.14 32.47 -3.32
C ASP C 222 13.90 32.01 -2.07
N THR C 223 13.63 32.66 -0.94
CA THR C 223 14.28 32.34 0.34
C THR C 223 13.33 31.72 1.39
N PHE C 224 12.35 32.50 1.86
CA PHE C 224 11.49 32.14 2.98
C PHE C 224 10.80 30.80 2.88
N ILE C 225 10.16 30.51 1.75
CA ILE C 225 9.47 29.24 1.56
C ILE C 225 10.40 28.04 1.40
N PRO C 226 11.49 28.20 0.64
CA PRO C 226 12.33 27.02 0.58
C PRO C 226 13.05 26.77 1.91
N THR C 227 13.18 27.81 2.74
CA THR C 227 13.95 27.67 3.99
C THR C 227 13.13 26.90 5.05
N VAL C 228 11.87 27.31 5.18
CA VAL C 228 10.96 26.57 5.98
C VAL C 228 10.96 25.13 5.44
N GLY C 229 10.83 24.95 4.14
CA GLY C 229 10.76 23.60 3.60
C GLY C 229 11.98 22.77 3.88
N LYS C 230 13.13 23.40 3.95
CA LYS C 230 14.43 22.69 3.98
C LYS C 230 15.04 22.59 5.40
N ARG C 231 14.36 23.22 6.36
CA ARG C 231 14.96 23.51 7.64
C ARG C 231 15.55 22.27 8.36
N GLY C 232 14.84 21.14 8.24
CA GLY C 232 15.26 19.89 8.85
C GLY C 232 16.54 19.33 8.24
N ALA C 233 16.73 19.55 6.95
CA ALA C 233 17.98 19.13 6.35
C ALA C 233 19.12 20.07 6.77
N ALA C 234 18.80 21.32 7.13
CA ALA C 234 19.89 22.26 7.43
C ALA C 234 20.42 21.84 8.77
N ILE C 235 19.49 21.42 9.62
CA ILE C 235 19.79 21.07 10.98
C ILE C 235 20.63 19.81 11.04
N ILE C 236 20.29 18.82 10.22
CA ILE C 236 21.15 17.65 10.08
C ILE C 236 22.54 18.06 9.60
N GLU C 237 22.58 18.88 8.56
CA GLU C 237 23.82 19.38 8.03
C GLU C 237 24.62 19.96 9.22
N ALA C 238 23.97 20.73 10.10
CA ALA C 238 24.73 21.48 11.12
C ALA C 238 25.21 20.68 12.38
N ARG C 239 24.45 19.64 12.75
CA ARG C 239 24.63 18.90 14.01
C ARG C 239 24.96 17.45 13.72
N GLY C 240 24.59 16.96 12.54
CA GLY C 240 24.83 15.56 12.22
C GLY C 240 23.74 14.65 12.72
N LEU C 241 22.70 15.25 13.31
CA LEU C 241 21.59 14.49 13.91
C LEU C 241 20.30 15.23 13.69
N SER C 242 19.17 14.53 13.75
CA SER C 242 17.87 15.12 13.35
C SER C 242 17.29 16.03 14.41
N SER C 243 16.29 16.82 14.05
CA SER C 243 15.86 17.91 14.94
C SER C 243 14.88 17.45 16.05
N ALA C 244 15.40 16.73 17.02
CA ALA C 244 14.53 16.05 17.96
C ALA C 244 13.87 16.97 18.98
N ALA C 245 14.62 17.92 19.54
CA ALA C 245 14.04 18.76 20.60
C ALA C 245 13.03 19.77 20.01
N SER C 246 13.27 20.27 18.80
CA SER C 246 12.30 21.19 18.20
C SER C 246 11.03 20.40 17.88
N ALA C 247 11.18 19.20 17.32
CA ALA C 247 9.97 18.32 17.13
C ALA C 247 9.24 18.01 18.42
N ALA C 248 9.97 17.71 19.49
CA ALA C 248 9.26 17.35 20.71
C ALA C 248 8.51 18.60 21.18
N ASN C 249 9.16 19.75 21.03
CA ASN C 249 8.52 21.02 21.35
C ASN C 249 7.23 21.35 20.52
N ALA C 250 7.29 21.22 19.20
CA ALA C 250 6.09 21.33 18.37
C ALA C 250 4.96 20.35 18.79
N ALA C 251 5.30 19.10 19.07
CA ALA C 251 4.27 18.14 19.54
C ALA C 251 3.62 18.64 20.83
N ILE C 252 4.41 19.21 21.73
CA ILE C 252 3.85 19.65 22.99
C ILE C 252 2.94 20.83 22.77
N ASP C 253 3.35 21.71 21.85
CA ASP C 253 2.53 22.84 21.46
C ASP C 253 1.16 22.39 20.90
N HIS C 254 1.20 21.49 19.92
CA HIS C 254 0.02 20.99 19.22
C HIS C 254 -1.02 20.58 20.24
N VAL C 255 -0.63 19.67 21.13
CA VAL C 255 -1.51 19.13 22.15
C VAL C 255 -1.82 20.09 23.26
N ARG C 256 -0.85 20.87 23.69
CA ARG C 256 -1.18 21.76 24.81
C ARG C 256 -2.25 22.73 24.33
N ASP C 257 -2.01 23.39 23.18
CA ASP C 257 -3.02 24.23 22.53
C ASP C 257 -4.42 23.49 22.35
N TRP C 258 -4.43 22.36 21.66
CA TRP C 258 -5.65 21.61 21.45
C TRP C 258 -6.48 21.44 22.73
N VAL C 259 -5.85 20.98 23.80
CA VAL C 259 -6.53 20.67 25.07
C VAL C 259 -6.86 21.93 25.85
N LEU C 260 -5.89 22.82 25.95
CA LEU C 260 -6.00 24.00 26.80
C LEU C 260 -6.59 25.18 26.05
N GLY C 261 -6.53 25.18 24.72
CA GLY C 261 -7.21 26.24 23.97
C GLY C 261 -6.28 27.37 23.57
N THR C 262 -6.43 27.87 22.34
CA THR C 262 -5.51 28.90 21.86
C THR C 262 -5.98 30.30 22.08
N ASN C 263 -7.10 30.48 22.77
CA ASN C 263 -7.45 31.85 23.18
C ASN C 263 -7.66 32.77 22.00
N GLY C 264 -8.22 32.25 20.91
CA GLY C 264 -8.46 33.09 19.78
C GLY C 264 -7.27 33.15 18.87
N LYS C 265 -6.10 32.74 19.35
CA LYS C 265 -4.97 32.75 18.42
C LYS C 265 -5.14 31.60 17.38
N TRP C 266 -4.60 31.81 16.19
CA TRP C 266 -4.60 30.78 15.15
C TRP C 266 -3.39 29.87 15.29
N VAL C 267 -3.63 28.56 15.21
CA VAL C 267 -2.52 27.61 15.11
C VAL C 267 -2.83 26.63 14.03
N THR C 268 -1.78 26.07 13.46
CA THR C 268 -1.95 25.08 12.41
C THR C 268 -2.06 23.70 13.04
N MET C 269 -2.92 22.89 12.42
CA MET C 269 -3.18 21.52 12.78
C MET C 269 -3.50 20.70 11.53
N GLY C 270 -2.87 19.55 11.38
CA GLY C 270 -3.21 18.59 10.33
C GLY C 270 -4.45 17.83 10.79
N ILE C 271 -5.57 18.21 10.20
CA ILE C 271 -6.80 17.60 10.55
C ILE C 271 -7.35 17.03 9.28
N PRO C 272 -8.22 16.04 9.39
CA PRO C 272 -8.97 15.51 8.24
C PRO C 272 -9.90 16.57 7.57
N SER C 273 -9.76 16.76 6.26
CA SER C 273 -10.55 17.76 5.57
C SER C 273 -12.08 17.55 5.69
N ASP C 274 -12.76 18.66 6.03
CA ASP C 274 -14.23 18.66 6.05
C ASP C 274 -14.77 19.09 4.69
N GLY C 275 -13.90 19.22 3.68
CA GLY C 275 -14.37 19.62 2.36
C GLY C 275 -14.00 21.03 1.92
N SER C 276 -13.53 21.86 2.84
CA SER C 276 -13.23 23.27 2.54
C SER C 276 -11.99 23.58 1.72
N TYR C 277 -11.91 24.82 1.26
CA TYR C 277 -10.79 25.33 0.49
C TYR C 277 -10.40 24.36 -0.58
N GLY C 278 -11.38 23.57 -1.02
CA GLY C 278 -11.17 22.73 -2.16
C GLY C 278 -10.24 21.59 -1.84
N ILE C 279 -10.39 21.09 -0.61
CA ILE C 279 -9.69 19.88 -0.19
C ILE C 279 -10.69 18.71 -0.07
N PRO C 280 -10.47 17.59 -0.81
CA PRO C 280 -11.36 16.40 -0.78
C PRO C 280 -11.56 15.89 0.63
N GLU C 281 -12.63 15.14 0.88
CA GLU C 281 -12.95 14.79 2.26
C GLU C 281 -12.10 13.75 2.92
N ASP C 282 -11.84 14.01 4.21
CA ASP C 282 -11.14 13.08 5.08
C ASP C 282 -9.64 13.17 4.87
N ILE C 283 -9.21 13.91 3.85
CA ILE C 283 -7.78 13.97 3.63
C ILE C 283 -7.14 14.81 4.73
N ILE C 284 -6.01 14.36 5.26
CA ILE C 284 -5.36 15.04 6.37
C ILE C 284 -4.39 16.14 5.88
N TYR C 285 -4.77 17.37 6.14
CA TYR C 285 -4.22 18.45 5.38
C TYR C 285 -4.07 19.50 6.43
N GLY C 286 -2.90 20.10 6.51
CA GLY C 286 -2.72 21.20 7.43
C GLY C 286 -3.58 22.41 7.10
N VAL C 287 -4.27 22.89 8.13
CA VAL C 287 -5.18 24.05 7.94
C VAL C 287 -5.14 24.94 9.20
N PRO C 288 -5.30 26.28 9.06
CA PRO C 288 -5.37 27.13 10.28
C PRO C 288 -6.60 26.89 11.17
N VAL C 289 -6.39 26.79 12.49
CA VAL C 289 -7.54 26.62 13.38
C VAL C 289 -7.47 27.49 14.64
N ILE C 290 -8.59 27.57 15.36
CA ILE C 290 -8.52 28.15 16.66
C ILE C 290 -8.85 27.01 17.62
N CYS C 291 -8.42 27.10 18.87
CA CYS C 291 -8.75 26.05 19.84
C CYS C 291 -9.53 26.57 21.07
N GLU C 292 -10.55 25.81 21.46
CA GLU C 292 -11.32 26.20 22.61
C GLU C 292 -11.94 24.98 23.22
N ASN C 293 -12.07 25.05 24.54
CA ASN C 293 -11.80 23.85 25.32
C ASN C 293 -12.33 22.53 24.83
N GLY C 294 -11.36 21.68 24.50
CA GLY C 294 -11.59 20.34 24.02
C GLY C 294 -11.32 20.27 22.54
N GLU C 295 -11.77 21.28 21.79
CA GLU C 295 -11.81 21.16 20.33
C GLU C 295 -11.20 22.27 19.53
N TYR C 296 -10.91 21.93 18.28
CA TYR C 296 -10.51 22.88 17.25
C TYR C 296 -11.68 23.27 16.32
N LYS C 297 -11.80 24.57 16.06
CA LYS C 297 -12.77 25.15 15.13
C LYS C 297 -11.98 25.72 13.96
N ARG C 298 -12.29 25.24 12.75
CA ARG C 298 -11.63 25.71 11.52
C ARG C 298 -11.70 27.23 11.36
N VAL C 299 -10.77 27.80 10.61
CA VAL C 299 -10.87 29.20 10.24
C VAL C 299 -11.39 29.25 8.83
N GLU C 300 -12.68 29.55 8.69
CA GLU C 300 -13.40 29.47 7.41
C GLU C 300 -13.47 30.82 6.72
N GLY C 301 -13.73 30.79 5.42
CA GLY C 301 -13.80 32.02 4.65
C GLY C 301 -12.52 32.85 4.73
N LEU C 302 -11.47 32.32 4.10
CA LEU C 302 -10.22 33.02 3.99
C LEU C 302 -10.05 33.21 2.51
N GLU C 303 -9.67 34.40 2.08
CA GLU C 303 -9.45 34.61 0.68
C GLU C 303 -8.25 33.76 0.19
N ILE C 304 -8.42 33.10 -0.96
CA ILE C 304 -7.34 32.40 -1.65
C ILE C 304 -7.00 33.12 -2.96
N ASP C 305 -5.89 33.86 -2.95
CA ASP C 305 -5.34 34.46 -4.15
C ASP C 305 -4.75 33.36 -5.05
N ALA C 306 -4.13 33.72 -6.17
CA ALA C 306 -3.80 32.71 -7.18
C ALA C 306 -2.41 32.06 -7.06
N PHE C 307 -1.48 32.74 -6.40
CA PHE C 307 -0.22 32.08 -6.13
C PHE C 307 -0.44 31.02 -5.06
N SER C 308 -1.33 31.37 -4.14
CA SER C 308 -1.55 30.54 -3.00
C SER C 308 -2.46 29.34 -3.36
N ARG C 309 -3.48 29.56 -4.17
CA ARG C 309 -4.28 28.43 -4.64
C ARG C 309 -3.44 27.40 -5.43
N GLU C 310 -2.44 27.85 -6.17
CA GLU C 310 -1.64 26.87 -6.86
C GLU C 310 -0.69 26.11 -5.91
N LYS C 311 -0.32 26.76 -4.81
CA LYS C 311 0.59 26.16 -3.87
C LYS C 311 -0.18 25.05 -3.16
N MET C 312 -1.44 25.33 -2.86
CA MET C 312 -2.27 24.36 -2.16
C MET C 312 -2.63 23.14 -2.99
N ASP C 313 -2.52 23.27 -4.31
CA ASP C 313 -2.78 22.14 -5.18
C ASP C 313 -1.56 21.24 -5.27
N GLY C 314 -0.38 21.84 -5.29
CA GLY C 314 0.80 21.06 -5.60
C GLY C 314 1.02 20.16 -4.41
N THR C 315 0.58 20.66 -3.26
CA THR C 315 0.81 19.95 -2.03
C THR C 315 -0.28 18.88 -1.83
N LEU C 316 -1.54 19.30 -1.94
CA LEU C 316 -2.61 18.32 -2.15
C LEU C 316 -2.22 17.17 -3.11
N ALA C 317 -1.62 17.49 -4.24
CA ALA C 317 -1.33 16.45 -5.25
C ALA C 317 -0.44 15.38 -4.66
N GLU C 318 0.51 15.86 -3.87
CA GLU C 318 1.40 15.01 -3.08
C GLU C 318 0.62 14.14 -2.09
N LEU C 319 -0.25 14.74 -1.29
CA LEU C 319 -1.13 13.95 -0.44
C LEU C 319 -1.84 12.85 -1.23
N LEU C 320 -2.50 13.25 -2.31
CA LEU C 320 -3.32 12.34 -3.07
C LEU C 320 -2.49 11.20 -3.66
N GLU C 321 -1.24 11.42 -4.01
CA GLU C 321 -0.49 10.30 -4.58
C GLU C 321 0.03 9.40 -3.49
N GLU C 322 0.23 9.99 -2.31
CA GLU C 322 0.61 9.21 -1.14
C GLU C 322 -0.55 8.29 -0.68
N ARG C 323 -1.76 8.85 -0.48
CA ARG C 323 -2.93 8.07 -0.11
C ARG C 323 -3.22 6.95 -1.12
N ASP C 324 -3.16 7.26 -2.40
CA ASP C 324 -3.51 6.27 -3.39
C ASP C 324 -2.38 5.22 -3.53
N GLY C 325 -1.21 5.55 -3.03
CA GLY C 325 -0.16 4.54 -2.99
C GLY C 325 -0.32 3.61 -1.78
N VAL C 326 -1.20 3.93 -0.85
CA VAL C 326 -1.24 3.08 0.32
C VAL C 326 -2.61 2.49 0.67
N ALA C 327 -3.67 3.10 0.15
CA ALA C 327 -5.05 2.78 0.59
C ALA C 327 -5.46 1.30 0.34
N HIS C 328 -4.54 0.53 -0.24
CA HIS C 328 -4.78 -0.88 -0.47
C HIS C 328 -4.17 -1.74 0.64
N LEU C 329 -3.81 -1.10 1.77
CA LEU C 329 -3.08 -1.79 2.86
C LEU C 329 -3.91 -1.76 4.13
N LYS D 7 10.27 43.03 32.18
CA LYS D 7 11.55 42.61 32.82
C LYS D 7 12.70 42.50 31.83
N PRO D 8 13.89 42.89 32.30
CA PRO D 8 15.13 42.74 31.54
C PRO D 8 15.62 41.31 31.63
N ALA D 9 16.18 40.82 30.54
CA ALA D 9 16.60 39.44 30.48
C ALA D 9 17.75 39.16 31.48
N LYS D 10 17.77 37.97 32.08
CA LYS D 10 18.96 37.50 32.76
C LYS D 10 19.96 36.80 31.79
N ARG D 11 21.25 37.06 31.92
CA ARG D 11 22.20 36.32 31.10
C ARG D 11 22.56 34.97 31.72
N VAL D 12 22.45 33.90 30.94
CA VAL D 12 22.77 32.59 31.44
C VAL D 12 23.82 31.98 30.50
N ALA D 13 24.99 31.72 31.05
CA ALA D 13 26.05 31.16 30.25
C ALA D 13 26.05 29.68 30.40
N VAL D 14 26.22 28.95 29.31
CA VAL D 14 26.30 27.52 29.44
C VAL D 14 27.46 27.04 28.61
N THR D 15 28.43 26.36 29.21
CA THR D 15 29.54 25.81 28.43
C THR D 15 29.12 24.46 27.93
N GLY D 16 30.05 23.70 27.35
CA GLY D 16 29.70 22.43 26.75
C GLY D 16 28.46 22.42 25.83
N ALA D 17 28.21 23.49 25.09
CA ALA D 17 26.89 23.70 24.45
C ALA D 17 26.54 22.78 23.32
N ALA D 18 27.50 22.10 22.73
CA ALA D 18 27.12 21.17 21.67
C ALA D 18 27.00 19.71 22.19
N GLY D 19 27.15 19.52 23.50
CA GLY D 19 27.12 18.17 24.10
C GLY D 19 25.73 17.65 24.43
N GLN D 20 25.63 16.45 25.01
CA GLN D 20 24.32 15.85 25.34
C GLN D 20 23.57 16.56 26.48
N ILE D 21 24.25 16.92 27.57
CA ILE D 21 23.55 17.51 28.74
C ILE D 21 22.83 18.75 28.30
N ALA D 22 23.53 19.61 27.56
CA ALA D 22 22.98 20.84 27.00
C ALA D 22 21.75 20.67 26.09
N TYR D 23 21.83 19.70 25.21
CA TYR D 23 20.73 19.46 24.33
C TYR D 23 19.45 19.32 25.17
N SER D 24 19.57 18.70 26.34
CA SER D 24 18.38 18.48 27.17
C SER D 24 18.16 19.65 28.09
N LEU D 25 19.14 20.54 28.18
CA LEU D 25 19.10 21.61 29.18
C LEU D 25 18.60 22.94 28.61
N LEU D 26 19.07 23.26 27.40
CA LEU D 26 18.83 24.57 26.79
C LEU D 26 17.34 24.87 26.62
N PHE D 27 16.55 23.85 26.31
CA PHE D 27 15.18 24.12 25.91
C PHE D 27 14.33 24.42 27.16
N ARG D 28 14.68 23.79 28.27
CA ARG D 28 13.93 24.07 29.47
C ARG D 28 14.34 25.42 30.10
N ILE D 29 15.64 25.72 30.03
CA ILE D 29 16.02 27.06 30.41
C ILE D 29 15.19 28.04 29.57
N ALA D 30 15.06 27.79 28.27
CA ALA D 30 14.42 28.78 27.36
C ALA D 30 12.91 28.85 27.58
N ASN D 31 12.38 27.76 28.10
CA ASN D 31 10.97 27.60 28.43
C ASN D 31 10.61 28.23 29.80
N GLY D 32 11.62 28.59 30.61
CA GLY D 32 11.41 29.30 31.86
C GLY D 32 11.59 28.47 33.13
N ASP D 33 12.11 27.25 32.97
CA ASP D 33 12.04 26.27 34.07
C ASP D 33 13.16 26.55 35.06
N LEU D 34 14.26 27.14 34.56
CA LEU D 34 15.42 27.57 35.35
C LEU D 34 15.18 28.80 36.24
N LEU D 35 14.61 29.88 35.68
CA LEU D 35 14.48 31.07 36.51
C LEU D 35 13.06 31.56 36.76
N GLY D 36 12.07 30.88 36.19
CA GLY D 36 10.64 31.22 36.35
C GLY D 36 9.94 31.62 35.06
N LYS D 37 8.61 31.49 35.02
CA LYS D 37 7.87 31.71 33.78
C LYS D 37 7.79 33.20 33.44
N ASP D 38 8.09 34.06 34.42
CA ASP D 38 7.98 35.47 34.13
C ASP D 38 9.35 36.18 33.89
N GLN D 39 10.37 35.44 33.47
CA GLN D 39 11.75 35.96 33.43
C GLN D 39 12.46 35.58 32.12
N PRO D 40 12.59 36.54 31.21
CA PRO D 40 13.30 36.34 29.98
C PRO D 40 14.75 36.02 30.27
N VAL D 41 15.44 35.40 29.32
CA VAL D 41 16.82 35.07 29.52
C VAL D 41 17.66 35.23 28.24
N ILE D 42 18.95 35.51 28.40
CA ILE D 42 19.82 35.49 27.25
C ILE D 42 20.80 34.36 27.37
N LEU D 43 20.73 33.42 26.44
CA LEU D 43 21.62 32.29 26.46
C LEU D 43 22.92 32.69 25.80
N GLN D 44 24.00 32.70 26.56
CA GLN D 44 25.34 32.88 25.96
C GLN D 44 26.03 31.52 26.00
N LEU D 45 26.20 30.91 24.84
CA LEU D 45 26.68 29.54 24.81
C LEU D 45 28.17 29.38 24.44
N LEU D 46 28.91 28.52 25.13
CA LEU D 46 30.30 28.26 24.75
C LEU D 46 30.60 26.83 24.40
N ASP D 47 31.59 26.62 23.54
CA ASP D 47 32.14 25.28 23.26
C ASP D 47 33.36 25.42 22.32
N LEU D 48 34.08 24.33 22.09
CA LEU D 48 35.29 24.33 21.23
C LEU D 48 35.13 24.99 19.85
N PRO D 49 36.27 25.39 19.21
CA PRO D 49 36.14 25.83 17.81
C PRO D 49 35.57 24.74 16.86
N GLN D 50 36.02 23.49 16.95
CA GLN D 50 35.51 22.43 16.04
C GLN D 50 34.01 22.16 16.24
N ALA D 51 33.40 22.82 17.24
CA ALA D 51 32.01 22.51 17.58
C ALA D 51 31.07 23.68 17.33
N GLN D 52 31.60 24.80 16.85
CA GLN D 52 30.76 25.95 16.48
C GLN D 52 29.57 25.64 15.50
N ALA D 53 29.73 24.67 14.57
CA ALA D 53 28.63 24.36 13.66
C ALA D 53 27.49 23.60 14.39
N ALA D 54 27.88 22.64 15.21
CA ALA D 54 26.95 21.94 16.07
C ALA D 54 26.09 22.91 16.86
N VAL D 55 26.72 23.91 17.47
CA VAL D 55 25.98 24.86 18.28
C VAL D 55 25.07 25.73 17.42
N LYS D 56 25.52 26.19 16.26
CA LYS D 56 24.59 26.96 15.39
C LYS D 56 23.35 26.05 15.18
N GLY D 57 23.59 24.78 14.89
CA GLY D 57 22.48 23.85 14.75
C GLY D 57 21.50 23.80 15.93
N VAL D 58 22.01 23.72 17.14
CA VAL D 58 21.14 23.77 18.33
C VAL D 58 20.40 25.10 18.53
N VAL D 59 21.05 26.17 18.10
CA VAL D 59 20.45 27.46 18.18
C VAL D 59 19.36 27.56 17.13
N MET D 60 19.56 26.91 16.00
CA MET D 60 18.48 26.89 15.04
C MET D 60 17.24 26.25 15.68
N GLU D 61 17.42 25.11 16.33
CA GLU D 61 16.31 24.46 16.97
C GLU D 61 15.71 25.34 18.04
N LEU D 62 16.51 26.06 18.83
CA LEU D 62 15.93 26.90 19.86
C LEU D 62 15.01 27.94 19.18
N ASP D 63 15.52 28.56 18.12
CA ASP D 63 14.75 29.53 17.37
C ASP D 63 13.44 28.91 16.93
N ASP D 64 13.57 27.72 16.37
CA ASP D 64 12.47 26.91 15.83
C ASP D 64 11.41 26.43 16.88
N CYS D 65 11.50 26.89 18.15
CA CYS D 65 10.52 26.52 19.19
C CYS D 65 9.67 27.69 19.55
N ALA D 66 10.09 28.86 19.12
CA ALA D 66 9.34 30.08 19.37
C ALA D 66 9.07 30.30 20.84
N PHE D 67 10.11 30.26 21.67
CA PHE D 67 9.88 30.47 23.11
C PHE D 67 9.62 31.94 23.36
N PRO D 68 8.53 32.26 24.08
CA PRO D 68 8.34 33.68 24.30
C PRO D 68 9.51 34.27 25.09
N LEU D 69 10.09 33.48 26.02
CA LEU D 69 11.09 34.00 27.02
C LEU D 69 12.54 34.11 26.56
N LEU D 70 12.85 33.52 25.41
CA LEU D 70 14.20 33.65 24.88
C LEU D 70 14.38 35.09 24.36
N ALA D 71 15.23 35.92 24.98
CA ALA D 71 15.52 37.24 24.37
C ALA D 71 16.73 37.32 23.43
N GLY D 72 17.49 36.24 23.30
CA GLY D 72 18.66 36.26 22.45
C GLY D 72 19.65 35.15 22.72
N VAL D 73 20.59 34.98 21.81
CA VAL D 73 21.55 33.92 21.94
C VAL D 73 22.84 34.47 21.45
N VAL D 74 23.90 34.38 22.25
CA VAL D 74 25.26 34.60 21.82
C VAL D 74 25.89 33.24 21.69
N ILE D 75 26.59 33.00 20.58
CA ILE D 75 27.38 31.80 20.30
C ILE D 75 28.87 32.15 20.25
N THR D 76 29.76 31.34 20.82
CA THR D 76 31.17 31.73 20.88
C THR D 76 32.11 30.59 21.23
N ASP D 77 33.40 30.70 20.92
CA ASP D 77 34.35 29.73 21.46
C ASP D 77 35.26 30.39 22.48
N ASP D 78 34.86 31.59 22.90
CA ASP D 78 35.69 32.43 23.73
C ASP D 78 35.04 32.62 25.08
N PRO D 79 35.64 32.02 26.11
CA PRO D 79 35.18 32.10 27.49
C PRO D 79 34.72 33.51 27.90
N LYS D 80 35.56 34.51 27.63
CA LYS D 80 35.34 35.87 28.07
C LYS D 80 34.11 36.50 27.45
N VAL D 81 33.79 36.03 26.24
CA VAL D 81 32.62 36.50 25.51
C VAL D 81 31.41 35.83 26.10
N ALA D 82 31.50 34.51 26.19
CA ALA D 82 30.44 33.72 26.80
C ALA D 82 30.03 34.30 28.14
N PHE D 83 30.98 34.63 29.02
CA PHE D 83 30.59 34.94 30.37
C PHE D 83 30.27 36.39 30.55
N LYS D 84 30.54 37.18 29.57
CA LYS D 84 30.32 38.57 29.66
C LYS D 84 28.99 38.98 30.19
N ASP D 85 28.98 39.61 31.34
CA ASP D 85 27.76 40.03 32.07
C ASP D 85 26.87 38.84 32.48
N ALA D 86 27.39 37.61 32.41
CA ALA D 86 26.63 36.46 32.86
C ALA D 86 26.08 36.64 34.31
N ASP D 87 24.78 36.39 34.54
CA ASP D 87 24.17 36.37 35.86
C ASP D 87 24.18 34.95 36.38
N VAL D 88 24.13 33.99 35.47
CA VAL D 88 24.18 32.62 35.89
C VAL D 88 25.16 31.92 34.98
N ALA D 89 26.00 31.09 35.57
CA ALA D 89 26.91 30.29 34.72
C ALA D 89 26.86 28.81 35.01
N LEU D 90 26.52 28.01 34.02
CA LEU D 90 26.40 26.61 34.22
C LEU D 90 27.59 25.94 33.56
N LEU D 91 28.60 25.53 34.32
CA LEU D 91 29.79 25.01 33.64
C LEU D 91 29.62 23.51 33.41
N VAL D 92 29.06 23.18 32.24
CA VAL D 92 28.68 21.83 31.91
C VAL D 92 29.84 21.06 31.25
N GLY D 93 30.63 21.74 30.44
CA GLY D 93 31.64 21.01 29.67
C GLY D 93 32.94 20.80 30.42
N ALA D 94 33.55 19.65 30.21
CA ALA D 94 34.84 19.31 30.81
C ALA D 94 35.43 18.31 29.84
N ARG D 95 36.55 17.72 30.21
CA ARG D 95 37.22 16.81 29.32
C ARG D 95 37.06 15.44 29.88
N PRO D 96 36.50 14.54 29.11
CA PRO D 96 36.21 13.20 29.64
C PRO D 96 37.46 12.31 29.52
N ARG D 97 37.45 11.10 30.10
CA ARG D 97 38.63 10.18 30.13
C ARG D 97 38.83 9.23 28.89
N SER D 98 40.03 8.63 28.72
CA SER D 98 40.25 7.42 27.83
C SER D 98 41.49 6.55 28.21
N MET D 101 44.72 7.06 29.83
CA MET D 101 44.61 8.23 30.72
C MET D 101 44.54 7.86 32.21
N GLU D 102 45.51 8.32 33.00
CA GLU D 102 45.50 8.03 34.44
C GLU D 102 44.72 9.11 35.20
N ARG D 103 44.09 8.74 36.31
CA ARG D 103 43.35 9.74 37.09
C ARG D 103 44.17 11.03 37.19
N LYS D 104 45.49 10.88 37.33
CA LYS D 104 46.38 12.02 37.34
C LYS D 104 46.04 12.90 36.13
N ASP D 105 46.07 12.33 34.94
CA ASP D 105 45.92 13.11 33.69
C ASP D 105 44.56 13.80 33.50
N LEU D 106 43.50 13.03 33.62
CA LEU D 106 42.17 13.61 33.59
C LEU D 106 42.07 14.81 34.56
N LEU D 107 42.43 14.59 35.81
CA LEU D 107 42.37 15.64 36.79
C LEU D 107 42.95 16.94 36.24
N SER D 108 44.21 16.90 35.81
CA SER D 108 44.94 18.14 35.46
C SER D 108 44.53 18.70 34.07
N ALA D 109 44.09 17.83 33.17
CA ALA D 109 43.44 18.34 31.96
C ALA D 109 42.25 19.25 32.34
N ASN D 110 41.53 18.90 33.38
CA ASN D 110 40.41 19.71 33.75
C ASN D 110 40.85 21.00 34.39
N ALA D 111 41.93 20.94 35.15
CA ALA D 111 42.51 22.17 35.71
C ALA D 111 42.73 23.27 34.66
N GLU D 112 43.34 22.92 33.54
CA GLU D 112 43.55 23.94 32.52
C GLU D 112 42.24 24.66 32.11
N ILE D 113 41.17 23.85 31.91
CA ILE D 113 39.87 24.40 31.52
C ILE D 113 39.33 25.39 32.58
N PHE D 114 39.39 24.96 33.83
CA PHE D 114 38.61 25.61 34.86
C PHE D 114 39.34 26.81 35.48
N THR D 115 40.67 26.79 35.34
CA THR D 115 41.49 27.98 35.61
C THR D 115 41.18 29.03 34.56
N VAL D 116 41.26 28.67 33.30
CA VAL D 116 40.94 29.63 32.24
C VAL D 116 39.53 30.25 32.39
N GLN D 117 38.56 29.36 32.64
CA GLN D 117 37.14 29.72 32.79
C GLN D 117 36.85 30.53 34.07
N GLY D 118 37.47 30.10 35.19
CA GLY D 118 37.30 30.79 36.45
C GLY D 118 37.83 32.19 36.30
N ALA D 119 38.99 32.33 35.66
CA ALA D 119 39.58 33.67 35.34
C ALA D 119 38.66 34.48 34.42
N ALA D 120 38.11 33.81 33.39
CA ALA D 120 37.18 34.52 32.49
C ALA D 120 36.03 35.10 33.27
N LEU D 121 35.42 34.28 34.13
CA LEU D 121 34.33 34.74 34.94
C LEU D 121 34.83 35.79 35.86
N ASN D 122 36.01 35.63 36.43
CA ASN D 122 36.50 36.67 37.34
C ASN D 122 36.62 38.05 36.66
N GLU D 123 36.97 38.04 35.38
CA GLU D 123 37.12 39.30 34.65
C GLU D 123 35.88 39.97 34.09
N VAL D 124 34.95 39.20 33.53
CA VAL D 124 33.83 39.81 32.78
C VAL D 124 32.46 39.57 33.38
N ALA D 125 32.33 38.57 34.26
CA ALA D 125 30.97 38.18 34.69
C ALA D 125 30.31 39.22 35.59
N SER D 126 29.02 39.05 35.83
CA SER D 126 28.37 39.95 36.75
C SER D 126 28.97 39.68 38.12
N ARG D 127 28.78 40.62 39.05
CA ARG D 127 29.47 40.55 40.34
C ARG D 127 28.84 39.53 41.33
N ASP D 128 27.54 39.30 41.22
CA ASP D 128 26.94 38.21 42.00
C ASP D 128 26.46 37.09 41.12
N VAL D 129 27.20 36.86 40.05
CA VAL D 129 26.94 35.75 39.15
C VAL D 129 26.92 34.44 39.95
N LYS D 130 25.90 33.59 39.79
CA LYS D 130 25.90 32.29 40.48
C LYS D 130 26.44 31.21 39.57
N VAL D 131 27.49 30.50 40.01
CA VAL D 131 28.15 29.43 39.20
C VAL D 131 27.72 28.02 39.63
N LEU D 132 27.37 27.15 38.68
CA LEU D 132 27.22 25.74 39.02
C LEU D 132 28.06 24.89 38.10
N VAL D 133 28.96 24.09 38.65
CA VAL D 133 29.74 23.17 37.82
C VAL D 133 29.02 21.82 37.72
N VAL D 134 28.85 21.31 36.50
CA VAL D 134 28.21 20.01 36.28
C VAL D 134 29.19 18.94 35.73
N GLY D 135 30.10 19.35 34.85
CA GLY D 135 31.08 18.43 34.28
C GLY D 135 32.03 17.83 35.33
N ASN D 136 32.61 16.66 35.02
CA ASN D 136 33.39 15.87 35.97
C ASN D 136 34.88 16.18 35.97
N PRO D 137 35.55 16.04 37.13
CA PRO D 137 35.08 15.84 38.50
C PRO D 137 34.46 17.11 39.05
N ALA D 138 33.16 17.12 39.27
CA ALA D 138 32.45 18.38 39.49
C ALA D 138 33.00 19.23 40.65
N ASN D 139 33.21 18.61 41.81
CA ASN D 139 33.67 19.28 43.04
C ASN D 139 35.01 19.97 42.92
N THR D 140 36.00 19.25 42.40
CA THR D 140 37.32 19.81 42.24
C THR D 140 37.40 20.86 41.12
N ASN D 141 36.62 20.68 40.04
CA ASN D 141 36.46 21.79 39.06
C ASN D 141 35.85 23.02 39.67
N ALA D 142 34.79 22.83 40.45
CA ALA D 142 34.23 24.01 41.05
C ALA D 142 35.33 24.69 41.84
N TYR D 143 36.09 23.91 42.61
CA TYR D 143 37.17 24.45 43.46
C TYR D 143 38.23 25.29 42.69
N ILE D 144 38.72 24.73 41.60
CA ILE D 144 39.69 25.38 40.78
C ILE D 144 39.13 26.71 40.27
N ALA D 145 37.87 26.69 39.86
CA ALA D 145 37.29 27.88 39.27
C ALA D 145 37.19 28.97 40.34
N MET D 146 36.53 28.65 41.46
CA MET D 146 36.53 29.49 42.65
C MET D 146 37.90 30.10 43.02
N LYS D 147 38.98 29.31 42.99
CA LYS D 147 40.25 29.78 43.49
C LYS D 147 40.86 30.65 42.43
N SER D 148 40.29 30.57 41.21
CA SER D 148 40.84 31.26 40.07
C SER D 148 40.05 32.49 39.84
N ALA D 149 39.13 32.81 40.75
CA ALA D 149 38.31 34.03 40.66
C ALA D 149 38.31 34.80 41.99
N PRO D 150 39.46 35.36 42.34
CA PRO D 150 39.58 35.95 43.69
C PRO D 150 38.75 37.22 43.88
N ASP D 151 38.16 37.77 42.84
CA ASP D 151 37.30 38.95 43.01
C ASP D 151 35.84 38.65 43.11
N LEU D 152 35.51 37.39 42.89
CA LEU D 152 34.12 36.96 43.10
C LEU D 152 33.97 36.22 44.44
N PRO D 153 32.86 36.45 45.12
CA PRO D 153 32.69 35.79 46.39
C PRO D 153 32.75 34.26 46.24
N LYS D 154 33.50 33.61 47.15
CA LYS D 154 33.55 32.13 47.25
C LYS D 154 32.16 31.49 47.34
N LYS D 155 31.24 32.08 48.10
CA LYS D 155 29.97 31.44 48.31
C LYS D 155 29.24 31.07 46.99
N ASN D 156 29.43 31.85 45.92
CA ASN D 156 28.69 31.65 44.65
C ASN D 156 29.21 30.55 43.67
N PHE D 157 30.24 29.81 44.08
CA PHE D 157 30.73 28.68 43.31
C PHE D 157 30.20 27.43 43.96
N THR D 158 29.47 26.63 43.20
CA THR D 158 28.93 25.38 43.70
C THR D 158 29.16 24.19 42.76
N ALA D 159 28.97 22.98 43.24
CA ALA D 159 29.08 21.86 42.35
C ALA D 159 27.83 20.99 42.44
N MET D 160 27.57 20.17 41.45
CA MET D 160 26.25 19.58 41.41
C MET D 160 26.14 18.25 42.12
N LEU D 161 25.56 18.23 43.32
CA LEU D 161 25.22 16.92 43.94
C LEU D 161 23.73 16.61 43.84
N ARG D 162 23.00 17.50 43.19
CA ARG D 162 21.57 17.45 43.22
C ARG D 162 21.06 16.25 42.43
N LEU D 163 21.83 15.78 41.45
CA LEU D 163 21.52 14.52 40.79
C LEU D 163 21.69 13.28 41.69
N ASP D 164 22.66 13.30 42.62
CA ASP D 164 22.75 12.21 43.61
C ASP D 164 21.59 12.27 44.57
N HIS D 165 21.32 13.48 45.09
CA HIS D 165 20.12 13.76 45.89
C HIS D 165 18.86 13.15 45.21
N ASN D 166 18.49 13.68 44.04
CA ASN D 166 17.37 13.11 43.28
C ASN D 166 17.38 11.59 43.14
N ARG D 167 18.53 11.02 42.84
CA ARG D 167 18.62 9.59 42.68
C ARG D 167 18.39 8.88 44.02
N ALA D 168 18.73 9.56 45.11
CA ALA D 168 18.55 9.00 46.40
C ALA D 168 17.08 9.07 46.68
N LEU D 169 16.41 10.14 46.30
CA LEU D 169 14.95 10.21 46.57
C LEU D 169 14.13 9.05 45.98
N SER D 170 14.44 8.70 44.74
CA SER D 170 13.58 7.76 44.07
C SER D 170 13.85 6.36 44.55
N GLN D 171 15.09 6.07 44.95
CA GLN D 171 15.39 4.79 45.64
C GLN D 171 14.57 4.61 46.93
N LEU D 172 14.55 5.69 47.71
CA LEU D 172 13.83 5.76 48.95
C LEU D 172 12.34 5.64 48.74
N ALA D 173 11.85 6.33 47.70
CA ALA D 173 10.43 6.40 47.40
C ALA D 173 9.91 4.99 47.11
N ALA D 174 10.64 4.28 46.26
CA ALA D 174 10.24 2.94 45.84
C ALA D 174 10.32 1.96 47.02
N LYS D 175 11.48 1.92 47.68
CA LYS D 175 11.64 1.10 48.90
C LYS D 175 10.61 1.41 49.99
N SER D 176 10.23 2.66 50.20
CA SER D 176 9.27 2.91 51.27
C SER D 176 7.88 2.71 50.72
N GLY D 177 7.78 2.62 49.40
CA GLY D 177 6.49 2.70 48.72
C GLY D 177 5.73 3.99 48.91
N LYS D 178 6.34 5.00 49.51
CA LYS D 178 5.66 6.28 49.59
C LYS D 178 5.91 7.09 48.30
N PRO D 179 5.15 8.18 48.10
CA PRO D 179 5.36 8.98 46.87
C PRO D 179 6.63 9.89 46.92
N VAL D 180 7.37 9.94 45.80
CA VAL D 180 8.63 10.67 45.77
C VAL D 180 8.51 12.13 46.20
N ALA D 181 7.42 12.79 45.79
CA ALA D 181 7.26 14.20 46.10
C ALA D 181 6.95 14.40 47.59
N SER D 182 6.72 13.30 48.29
CA SER D 182 6.42 13.41 49.73
C SER D 182 7.67 13.36 50.59
N ILE D 183 8.80 12.94 50.04
CA ILE D 183 9.92 12.73 50.93
C ILE D 183 10.55 14.06 51.41
N GLU D 184 11.28 14.03 52.51
CA GLU D 184 11.83 15.28 53.00
C GLU D 184 13.02 15.04 53.88
N LYS D 185 13.84 16.09 54.01
CA LYS D 185 15.02 16.17 54.83
C LYS D 185 15.97 15.03 54.49
N LEU D 186 16.35 14.99 53.23
CA LEU D 186 17.35 14.07 52.81
C LEU D 186 18.59 14.90 52.78
N ALA D 187 19.74 14.28 53.02
CA ALA D 187 21.00 14.99 52.90
C ALA D 187 21.94 14.06 52.18
N VAL D 188 22.76 14.63 51.32
CA VAL D 188 23.80 13.86 50.71
C VAL D 188 25.09 14.63 50.92
N TRP D 189 26.16 13.90 51.25
CA TRP D 189 27.38 14.52 51.73
C TRP D 189 28.52 14.22 50.75
N GLY D 190 29.32 15.24 50.51
CA GLY D 190 30.64 15.04 49.97
C GLY D 190 30.87 15.21 48.49
N ASN D 191 31.47 14.19 47.87
CA ASN D 191 31.85 14.26 46.47
C ASN D 191 30.77 13.68 45.52
N HIS D 192 30.57 14.28 44.34
CA HIS D 192 29.78 13.70 43.23
C HIS D 192 30.53 12.56 42.50
N SER D 193 30.67 11.45 43.22
CA SER D 193 31.18 10.27 42.67
C SER D 193 30.63 9.26 43.64
N PRO D 194 31.05 8.00 43.50
CA PRO D 194 30.49 6.92 44.30
C PRO D 194 30.99 6.90 45.73
N THR D 195 31.98 7.71 46.10
CA THR D 195 32.21 7.85 47.55
C THR D 195 31.12 8.70 48.28
N MET D 196 30.12 9.17 47.57
CA MET D 196 29.13 10.01 48.21
C MET D 196 28.29 9.28 49.25
N TYR D 197 27.69 10.06 50.13
CA TYR D 197 27.01 9.49 51.25
C TYR D 197 25.59 10.00 51.29
N PRO D 198 24.63 9.17 50.85
CA PRO D 198 23.22 9.59 50.88
C PRO D 198 22.63 9.27 52.22
N ASP D 199 22.28 10.30 52.99
CA ASP D 199 22.03 10.09 54.40
C ASP D 199 20.57 10.28 54.62
N PHE D 200 19.85 9.21 54.96
CA PHE D 200 18.43 9.39 55.27
C PHE D 200 17.98 9.22 56.74
N ARG D 201 18.88 9.32 57.73
CA ARG D 201 18.50 9.23 59.15
C ARG D 201 17.49 10.33 59.58
N PHE D 202 17.39 11.42 58.84
CA PHE D 202 16.54 12.49 59.30
C PHE D 202 15.33 12.56 58.45
N ALA D 203 15.31 11.73 57.41
CA ALA D 203 14.29 11.84 56.33
C ALA D 203 12.85 11.46 56.75
N THR D 204 11.84 12.21 56.31
CA THR D 204 10.44 11.83 56.59
C THR D 204 9.56 11.79 55.35
N ALA D 205 8.69 10.78 55.26
CA ALA D 205 7.66 10.69 54.19
C ALA D 205 6.22 10.77 54.74
N GLU D 206 5.35 11.55 54.12
CA GLU D 206 4.01 11.71 54.68
C GLU D 206 4.13 12.10 56.16
N GLY D 207 5.26 12.65 56.58
CA GLY D 207 5.43 13.00 58.02
C GLY D 207 5.78 11.84 58.97
N GLU D 208 6.21 10.71 58.42
CA GLU D 208 6.81 9.69 59.24
C GLU D 208 8.25 9.34 58.84
N SER D 209 8.95 8.79 59.81
CA SER D 209 10.37 8.66 59.76
C SER D 209 10.69 7.53 58.82
N LEU D 210 11.52 7.83 57.83
CA LEU D 210 11.94 6.82 56.90
C LEU D 210 12.89 5.86 57.61
N LEU D 211 13.64 6.41 58.57
CA LEU D 211 14.56 5.61 59.36
C LEU D 211 13.78 4.48 59.98
N LYS D 212 12.66 4.82 60.60
CA LYS D 212 11.74 3.83 61.13
C LYS D 212 11.04 3.01 60.04
N LEU D 213 10.31 3.65 59.13
CA LEU D 213 9.60 2.91 58.09
C LEU D 213 10.45 1.82 57.48
N ILE D 214 11.68 2.16 57.07
CA ILE D 214 12.49 1.17 56.38
C ILE D 214 13.17 0.13 57.27
N ASN D 215 13.92 0.59 58.28
CA ASN D 215 14.90 -0.27 58.96
C ASN D 215 16.07 -0.79 58.12
N ASP D 216 16.23 -2.10 58.11
CA ASP D 216 17.21 -2.71 57.22
C ASP D 216 18.45 -1.83 56.93
N ASP D 217 19.36 -1.79 57.90
CA ASP D 217 20.62 -1.10 57.75
C ASP D 217 21.48 -1.87 56.79
N VAL D 218 21.09 -3.11 56.56
CA VAL D 218 21.87 -3.94 55.69
C VAL D 218 21.45 -3.65 54.25
N TRP D 219 20.19 -3.31 54.06
CA TRP D 219 19.72 -2.81 52.78
C TRP D 219 20.47 -1.51 52.43
N ASN D 220 20.50 -0.62 53.42
CA ASN D 220 21.24 0.64 53.41
C ASN D 220 22.67 0.50 52.95
N ARG D 221 23.42 -0.37 53.61
CA ARG D 221 24.83 -0.61 53.34
C ARG D 221 25.04 -1.34 52.02
N ASP D 222 24.16 -2.31 51.75
CA ASP D 222 24.40 -3.26 50.65
C ASP D 222 23.77 -2.88 49.32
N THR D 223 22.53 -2.41 49.33
CA THR D 223 21.91 -2.05 48.07
C THR D 223 21.77 -0.55 47.85
N PHE D 224 21.13 0.14 48.79
CA PHE D 224 20.85 1.56 48.68
C PHE D 224 22.02 2.49 48.28
N ILE D 225 23.08 2.44 49.06
CA ILE D 225 24.21 3.32 48.80
C ILE D 225 24.98 3.01 47.52
N PRO D 226 25.24 1.71 47.23
CA PRO D 226 25.84 1.41 45.88
C PRO D 226 24.87 1.59 44.68
N THR D 227 23.57 1.54 44.93
CA THR D 227 22.65 1.72 43.82
C THR D 227 22.66 3.19 43.41
N VAL D 228 22.62 4.09 44.40
CA VAL D 228 22.71 5.51 44.16
C VAL D 228 24.07 5.78 43.58
N GLY D 229 25.11 5.35 44.27
CA GLY D 229 26.46 5.63 43.80
C GLY D 229 26.77 5.11 42.42
N LYS D 230 26.15 4.01 41.99
CA LYS D 230 26.54 3.45 40.69
C LYS D 230 25.44 3.63 39.59
N ARG D 231 24.45 4.48 39.88
CA ARG D 231 23.27 4.68 39.04
C ARG D 231 23.59 5.10 37.60
N GLY D 232 24.51 6.06 37.42
CA GLY D 232 24.94 6.49 36.11
C GLY D 232 25.33 5.35 35.20
N ALA D 233 25.92 4.30 35.77
CA ALA D 233 26.38 3.18 34.93
C ALA D 233 25.21 2.28 34.62
N ALA D 234 24.24 2.27 35.50
CA ALA D 234 23.04 1.52 35.17
C ALA D 234 22.39 2.17 33.95
N ILE D 235 22.26 3.49 33.94
CA ILE D 235 21.59 4.15 32.85
C ILE D 235 22.28 3.73 31.53
N ILE D 236 23.62 3.77 31.53
CA ILE D 236 24.44 3.43 30.38
C ILE D 236 24.27 1.97 29.90
N GLU D 237 24.42 1.00 30.80
CA GLU D 237 24.05 -0.40 30.49
C GLU D 237 22.71 -0.53 29.77
N ALA D 238 21.73 0.26 30.20
CA ALA D 238 20.37 0.14 29.73
C ALA D 238 20.10 0.84 28.35
N ARG D 239 20.53 2.11 28.21
CA ARG D 239 20.32 2.94 27.00
C ARG D 239 21.52 3.05 26.02
N GLY D 240 22.70 2.64 26.45
CA GLY D 240 23.88 2.80 25.62
C GLY D 240 24.44 4.22 25.69
N LEU D 241 23.70 5.16 26.29
CA LEU D 241 24.16 6.53 26.39
C LEU D 241 24.08 6.94 27.83
N SER D 242 24.75 8.03 28.21
CA SER D 242 24.75 8.48 29.63
C SER D 242 23.48 9.27 29.97
N SER D 243 23.32 9.65 31.22
CA SER D 243 22.02 10.12 31.69
C SER D 243 21.84 11.62 31.58
N ALA D 244 21.88 12.11 30.34
CA ALA D 244 21.79 13.54 30.00
C ALA D 244 20.54 14.22 30.53
N ALA D 245 19.36 13.60 30.35
CA ALA D 245 18.09 14.24 30.77
C ALA D 245 17.91 14.46 32.28
N SER D 246 18.26 13.45 33.10
CA SER D 246 18.17 13.57 34.58
C SER D 246 19.27 14.48 35.06
N ALA D 247 20.42 14.39 34.41
CA ALA D 247 21.48 15.34 34.69
C ALA D 247 21.05 16.77 34.47
N ALA D 248 20.40 17.07 33.35
CA ALA D 248 20.01 18.46 33.07
C ALA D 248 18.89 18.96 34.00
N ASN D 249 18.02 18.06 34.45
CA ASN D 249 16.93 18.38 35.38
C ASN D 249 17.43 18.78 36.76
N ALA D 250 18.38 18.04 37.28
CA ALA D 250 18.99 18.40 38.56
C ALA D 250 19.83 19.73 38.47
N ALA D 251 20.44 19.98 37.32
CA ALA D 251 21.05 21.28 37.17
C ALA D 251 19.94 22.30 37.27
N ILE D 252 18.79 22.03 36.65
CA ILE D 252 17.72 22.99 36.79
C ILE D 252 17.25 23.12 38.22
N ASP D 253 17.04 21.98 38.89
CA ASP D 253 16.53 22.03 40.26
C ASP D 253 17.48 22.78 41.19
N HIS D 254 18.75 22.54 40.97
CA HIS D 254 19.79 23.19 41.74
C HIS D 254 19.66 24.72 41.66
N VAL D 255 19.78 25.29 40.44
CA VAL D 255 19.75 26.74 40.28
C VAL D 255 18.42 27.31 40.68
N ARG D 256 17.35 26.68 40.24
CA ARG D 256 16.02 27.25 40.48
C ARG D 256 15.69 27.37 41.97
N ASP D 257 16.07 26.34 42.76
CA ASP D 257 15.91 26.36 44.23
C ASP D 257 16.85 27.46 44.81
N TRP D 258 18.06 27.50 44.30
CA TRP D 258 18.99 28.47 44.78
C TRP D 258 18.45 29.92 44.56
N VAL D 259 17.89 30.15 43.37
CA VAL D 259 17.47 31.48 43.00
C VAL D 259 16.08 31.78 43.51
N LEU D 260 15.19 30.80 43.47
CA LEU D 260 13.78 31.03 43.85
C LEU D 260 13.42 30.55 45.26
N GLY D 261 14.25 29.72 45.87
CA GLY D 261 13.92 29.24 47.21
C GLY D 261 13.38 27.83 47.34
N THR D 262 13.39 27.36 48.59
CA THR D 262 12.94 26.02 48.89
C THR D 262 12.02 26.06 50.08
N ASN D 263 11.96 27.23 50.70
CA ASN D 263 10.96 27.46 51.68
C ASN D 263 11.01 26.39 52.71
N GLY D 264 12.15 26.31 53.40
CA GLY D 264 12.28 25.48 54.58
C GLY D 264 12.69 24.07 54.25
N LYS D 265 12.60 23.71 52.97
CA LYS D 265 12.94 22.35 52.49
C LYS D 265 14.45 22.16 52.32
N TRP D 266 14.94 20.96 52.59
CA TRP D 266 16.38 20.68 52.46
C TRP D 266 16.68 20.18 51.05
N VAL D 267 17.77 20.71 50.49
CA VAL D 267 18.40 20.20 49.29
C VAL D 267 19.90 20.16 49.44
N THR D 268 20.55 19.23 48.77
CA THR D 268 21.98 19.15 48.80
C THR D 268 22.63 20.06 47.74
N MET D 269 23.71 20.76 48.13
CA MET D 269 24.53 21.54 47.24
C MET D 269 25.99 21.33 47.63
N GLY D 270 26.88 21.41 46.64
CA GLY D 270 28.30 21.39 46.85
C GLY D 270 28.75 22.81 47.02
N ILE D 271 28.93 23.19 48.28
CA ILE D 271 29.32 24.51 48.61
C ILE D 271 30.64 24.43 49.33
N PRO D 272 31.42 25.48 49.21
CA PRO D 272 32.62 25.63 49.99
C PRO D 272 32.39 25.57 51.47
N SER D 273 33.18 24.78 52.14
CA SER D 273 32.95 24.47 53.51
C SER D 273 33.21 25.61 54.44
N ASP D 274 32.34 25.81 55.39
CA ASP D 274 32.64 26.79 56.37
C ASP D 274 33.39 26.29 57.58
N GLY D 275 33.86 25.06 57.51
CA GLY D 275 34.48 24.44 58.65
C GLY D 275 33.62 23.46 59.40
N SER D 276 32.31 23.52 59.23
CA SER D 276 31.40 22.62 59.88
C SER D 276 31.61 21.17 59.65
N TYR D 277 31.05 20.39 60.54
CA TYR D 277 31.01 18.92 60.37
C TYR D 277 32.37 18.27 60.14
N GLY D 278 33.45 18.96 60.52
CA GLY D 278 34.76 18.39 60.46
C GLY D 278 35.29 18.37 59.06
N ILE D 279 34.87 19.35 58.26
CA ILE D 279 35.41 19.52 56.90
C ILE D 279 36.26 20.83 56.72
N PRO D 280 37.56 20.70 56.32
CA PRO D 280 38.42 21.87 56.18
C PRO D 280 37.86 22.91 55.19
N GLU D 281 37.98 24.16 55.61
CA GLU D 281 37.34 25.27 54.98
C GLU D 281 37.77 25.46 53.52
N ASP D 282 36.78 25.66 52.67
CA ASP D 282 36.95 25.97 51.27
C ASP D 282 36.88 24.76 50.40
N ILE D 283 37.02 23.57 50.95
CA ILE D 283 36.82 22.39 50.11
C ILE D 283 35.38 22.37 49.66
N ILE D 284 35.12 22.08 48.39
CA ILE D 284 33.75 21.97 47.90
C ILE D 284 33.13 20.65 48.33
N TYR D 285 32.04 20.72 49.10
CA TYR D 285 31.56 19.55 49.77
C TYR D 285 30.04 19.61 49.89
N GLY D 286 29.39 18.60 49.34
CA GLY D 286 27.95 18.45 49.42
C GLY D 286 27.45 18.38 50.86
N VAL D 287 26.61 19.34 51.24
CA VAL D 287 25.98 19.36 52.57
C VAL D 287 24.50 19.71 52.39
N PRO D 288 23.67 19.38 53.39
CA PRO D 288 22.28 19.84 53.32
C PRO D 288 22.15 21.37 53.45
N VAL D 289 21.39 22.03 52.57
CA VAL D 289 21.07 23.46 52.77
C VAL D 289 19.55 23.81 52.70
N ILE D 290 19.20 24.99 53.20
CA ILE D 290 17.91 25.61 52.93
C ILE D 290 18.13 26.90 52.14
N CYS D 291 17.20 27.26 51.27
CA CYS D 291 17.39 28.39 50.32
C CYS D 291 16.37 29.50 50.43
N GLU D 292 16.84 30.73 50.31
CA GLU D 292 15.96 31.86 50.33
C GLU D 292 16.66 33.14 49.99
N ASN D 293 15.99 33.93 49.15
CA ASN D 293 16.44 35.25 48.78
C ASN D 293 17.71 35.16 48.03
N GLY D 294 17.78 34.18 47.14
CA GLY D 294 18.94 34.02 46.30
C GLY D 294 20.15 33.58 47.08
N GLU D 295 19.94 33.04 48.29
CA GLU D 295 21.04 32.57 49.15
C GLU D 295 20.73 31.21 49.76
N TYR D 296 21.78 30.42 50.00
CA TYR D 296 21.67 29.20 50.79
C TYR D 296 22.08 29.40 52.23
N LYS D 297 21.44 28.65 53.12
CA LYS D 297 21.91 28.59 54.50
C LYS D 297 22.13 27.13 54.88
N ARG D 298 23.27 26.86 55.54
CA ARG D 298 23.60 25.50 55.96
C ARG D 298 22.59 24.89 56.98
N VAL D 299 22.32 23.61 56.85
CA VAL D 299 21.53 22.84 57.81
C VAL D 299 22.48 22.47 58.98
N GLU D 300 22.31 23.16 60.10
CA GLU D 300 23.32 23.08 61.13
C GLU D 300 23.06 22.13 62.32
N GLY D 301 24.14 21.67 62.94
CA GLY D 301 23.99 20.99 64.22
C GLY D 301 23.49 19.54 64.21
N LEU D 302 23.40 18.92 63.04
CA LEU D 302 23.02 17.49 62.96
C LEU D 302 23.96 16.50 63.68
N GLU D 303 23.37 15.45 64.25
CA GLU D 303 24.15 14.41 64.90
C GLU D 303 24.83 13.63 63.79
N ILE D 304 26.13 13.39 63.97
CA ILE D 304 26.93 12.59 63.05
C ILE D 304 27.38 11.28 63.74
N ASP D 305 26.74 10.17 63.38
CA ASP D 305 26.93 8.91 64.08
C ASP D 305 28.18 8.19 63.56
N ALA D 306 28.58 7.09 64.19
CA ALA D 306 29.87 6.58 63.83
C ALA D 306 29.90 6.18 62.36
N PHE D 307 28.90 5.44 61.90
CA PHE D 307 28.91 5.04 60.49
C PHE D 307 28.95 6.24 59.49
N SER D 308 28.20 7.31 59.80
CA SER D 308 28.16 8.48 58.96
C SER D 308 29.49 9.21 58.88
N ARG D 309 30.15 9.32 60.04
CA ARG D 309 31.43 9.99 60.21
C ARG D 309 32.41 9.26 59.34
N GLU D 310 32.30 7.95 59.33
CA GLU D 310 33.29 7.25 58.55
C GLU D 310 33.08 7.53 57.05
N LYS D 311 31.81 7.60 56.66
CA LYS D 311 31.51 7.74 55.28
C LYS D 311 31.91 9.12 54.84
N MET D 312 31.72 10.10 55.72
CA MET D 312 32.00 11.47 55.38
C MET D 312 33.50 11.67 55.29
N ASP D 313 34.23 10.97 56.13
CA ASP D 313 35.69 10.97 56.03
C ASP D 313 36.17 10.18 54.78
N GLY D 314 35.52 9.08 54.43
CA GLY D 314 35.90 8.42 53.20
C GLY D 314 35.86 9.41 52.02
N THR D 315 34.79 10.18 51.95
CA THR D 315 34.56 11.01 50.82
C THR D 315 35.40 12.28 50.90
N LEU D 316 35.56 12.83 52.10
CA LEU D 316 36.54 13.91 52.31
C LEU D 316 37.96 13.53 51.91
N ALA D 317 38.34 12.29 52.23
CA ALA D 317 39.67 11.76 51.87
C ALA D 317 39.81 11.82 50.38
N GLU D 318 38.79 11.46 49.66
CA GLU D 318 38.94 11.50 48.21
C GLU D 318 39.01 12.93 47.68
N LEU D 319 38.31 13.89 48.27
CA LEU D 319 38.37 15.28 47.74
C LEU D 319 39.75 15.88 48.00
N LEU D 320 40.35 15.51 49.13
CA LEU D 320 41.73 15.93 49.42
C LEU D 320 42.73 15.41 48.39
N GLU D 321 42.56 14.19 47.91
CA GLU D 321 43.53 13.73 46.97
C GLU D 321 43.32 14.28 45.56
N GLU D 322 42.09 14.68 45.24
CA GLU D 322 41.83 15.23 43.93
C GLU D 322 42.50 16.56 43.88
N ARG D 323 42.22 17.38 44.90
CA ARG D 323 42.77 18.72 44.99
C ARG D 323 44.27 18.70 44.91
N ASP D 324 44.81 17.63 45.45
CA ASP D 324 46.21 17.38 45.58
C ASP D 324 46.93 17.35 44.24
N GLY D 325 46.33 16.71 43.24
CA GLY D 325 46.99 16.62 41.94
C GLY D 325 46.70 17.74 40.96
N VAL D 326 46.25 18.89 41.45
CA VAL D 326 46.00 20.03 40.56
C VAL D 326 46.42 21.33 41.24
N ALA D 327 46.78 21.20 42.50
CA ALA D 327 47.14 22.34 43.32
C ALA D 327 48.36 23.10 42.82
N HIS D 328 49.19 22.49 41.97
CA HIS D 328 50.31 23.25 41.44
C HIS D 328 49.79 24.36 40.53
N LEU D 329 48.65 24.13 39.86
CA LEU D 329 48.09 25.05 38.83
C LEU D 329 47.26 26.26 39.26
#